data_7S5K
#
_entry.id   7S5K
#
_cell.length_a   127.490
_cell.length_b   44.370
_cell.length_c   127.960
_cell.angle_alpha   90.00
_cell.angle_beta   114.08
_cell.angle_gamma   90.00
#
_symmetry.space_group_name_H-M   'C 1 2 1'
#
loop_
_entity.id
_entity.type
_entity.pdbx_description
1 polymer EncB
2 non-polymer 'FE (III) ION'
3 non-polymer 'CALCIUM ION'
4 water water
#
_entity_poly.entity_id   1
_entity_poly.type   'polypeptide(L)'
_entity_poly.pdbx_seq_one_letter_code
;DLDDVARIRLVLARELETINEYEAYARASSNPEVRAFFQHLAAEEKEHVSEAVHMLRMLDSGQNDHFA
;
_entity_poly.pdbx_strand_id   A,B,E,F,G,H,I,J,C,D
#
# COMPACT_ATOMS: atom_id res chain seq x y z
N ASP A 1 -5.88 -6.27 18.10
CA ASP A 1 -6.80 -6.34 19.23
C ASP A 1 -8.18 -5.85 18.83
N LEU A 2 -8.82 -6.58 17.91
CA LEU A 2 -10.17 -6.27 17.49
C LEU A 2 -11.17 -7.05 18.32
N ASP A 3 -12.36 -6.47 18.48
CA ASP A 3 -13.48 -7.20 19.05
C ASP A 3 -14.55 -7.37 17.97
N ASP A 4 -15.67 -7.97 18.39
CA ASP A 4 -16.73 -8.28 17.44
C ASP A 4 -17.23 -7.02 16.74
N VAL A 5 -17.47 -5.96 17.51
CA VAL A 5 -18.01 -4.75 16.91
C VAL A 5 -17.03 -4.18 15.90
N ALA A 6 -15.73 -4.20 16.22
CA ALA A 6 -14.74 -3.69 15.28
C ALA A 6 -14.75 -4.49 13.98
N ARG A 7 -14.83 -5.82 14.08
CA ARG A 7 -14.87 -6.62 12.85
C ARG A 7 -16.10 -6.31 12.03
N ILE A 8 -17.24 -6.10 12.70
CA ILE A 8 -18.43 -5.73 11.95
C ILE A 8 -18.25 -4.39 11.26
N ARG A 9 -17.69 -3.41 11.98
CA ARG A 9 -17.44 -2.11 11.35
C ARG A 9 -16.53 -2.26 10.13
N LEU A 10 -15.53 -3.13 10.22
CA LEU A 10 -14.60 -3.32 9.11
C LEU A 10 -15.31 -3.94 7.90
N VAL A 11 -16.18 -4.89 8.17
CA VAL A 11 -16.92 -5.49 7.06
C VAL A 11 -17.87 -4.46 6.45
N LEU A 12 -18.51 -3.63 7.28
CA LEU A 12 -19.40 -2.60 6.75
C LEU A 12 -18.63 -1.63 5.85
N ALA A 13 -17.46 -1.19 6.30
CA ALA A 13 -16.66 -0.26 5.51
C ALA A 13 -16.25 -0.91 4.18
N ARG A 14 -15.84 -2.17 4.23
CA ARG A 14 -15.46 -2.85 3.01
C ARG A 14 -16.63 -2.96 2.05
N GLU A 15 -17.82 -3.27 2.59
CA GLU A 15 -19.02 -3.36 1.77
C GLU A 15 -19.34 -2.04 1.08
N LEU A 16 -19.23 -0.92 1.82
CA LEU A 16 -19.51 0.38 1.21
C LEU A 16 -18.57 0.66 0.03
N GLU A 17 -17.28 0.35 0.22
CA GLU A 17 -16.32 0.55 -0.87
C GLU A 17 -16.65 -0.36 -2.05
N THR A 18 -17.09 -1.59 -1.76
CA THR A 18 -17.45 -2.52 -2.83
C THR A 18 -18.62 -2.00 -3.64
N ILE A 19 -19.62 -1.42 -2.97
CA ILE A 19 -20.74 -0.82 -3.71
C ILE A 19 -20.21 0.26 -4.66
N ASN A 20 -19.34 1.13 -4.14
CA ASN A 20 -18.74 2.14 -5.03
C ASN A 20 -18.13 1.49 -6.26
N GLU A 21 -17.41 0.38 -6.07
CA GLU A 21 -16.77 -0.28 -7.21
C GLU A 21 -17.79 -0.86 -8.18
N TYR A 22 -18.83 -1.52 -7.66
CA TYR A 22 -19.86 -2.10 -8.52
C TYR A 22 -20.53 -1.03 -9.36
N GLU A 23 -20.91 0.10 -8.74
CA GLU A 23 -21.55 1.17 -9.50
C GLU A 23 -20.60 1.80 -10.51
N ALA A 24 -19.35 2.03 -10.12
CA ALA A 24 -18.36 2.54 -11.07
C ALA A 24 -18.26 1.63 -12.29
N TYR A 25 -18.15 0.33 -12.07
CA TYR A 25 -17.97 -0.60 -13.20
C TYR A 25 -19.22 -0.69 -14.05
N ALA A 26 -20.40 -0.65 -13.42
CA ALA A 26 -21.64 -0.62 -14.19
C ALA A 26 -21.69 0.62 -15.09
N ARG A 27 -21.28 1.77 -14.56
CA ARG A 27 -21.25 2.98 -15.39
C ARG A 27 -20.22 2.86 -16.51
N ALA A 28 -19.07 2.25 -16.22
CA ALA A 28 -17.99 2.18 -17.19
C ALA A 28 -18.25 1.16 -18.30
N SER A 29 -19.16 0.22 -18.09
CA SER A 29 -19.44 -0.76 -19.13
C SER A 29 -20.53 -0.26 -20.08
N SER A 30 -20.45 -0.71 -21.34
CA SER A 30 -21.48 -0.41 -22.34
C SER A 30 -22.24 -1.64 -22.81
N ASN A 31 -21.73 -2.83 -22.53
CA ASN A 31 -22.46 -4.08 -22.72
C ASN A 31 -23.60 -4.15 -21.70
N PRO A 32 -24.87 -4.19 -22.11
CA PRO A 32 -25.94 -4.12 -21.12
C PRO A 32 -26.00 -5.32 -20.18
N GLU A 33 -25.52 -6.49 -20.60
CA GLU A 33 -25.50 -7.62 -19.67
C GLU A 33 -24.51 -7.39 -18.55
N VAL A 34 -23.32 -6.87 -18.87
CA VAL A 34 -22.32 -6.56 -17.84
C VAL A 34 -22.82 -5.44 -16.94
N ARG A 35 -23.38 -4.38 -17.54
CA ARG A 35 -23.97 -3.32 -16.72
C ARG A 35 -24.99 -3.89 -15.74
N ALA A 36 -25.94 -4.68 -16.24
CA ALA A 36 -26.97 -5.27 -15.39
C ALA A 36 -26.36 -6.13 -14.30
N PHE A 37 -25.31 -6.90 -14.65
CA PHE A 37 -24.67 -7.76 -13.66
C PHE A 37 -24.10 -6.94 -12.51
N PHE A 38 -23.43 -5.83 -12.83
CA PHE A 38 -22.85 -5.01 -11.76
C PHE A 38 -23.94 -4.31 -10.95
N GLN A 39 -25.03 -3.89 -11.59
CA GLN A 39 -26.13 -3.29 -10.84
C GLN A 39 -26.76 -4.29 -9.88
N HIS A 40 -26.91 -5.54 -10.33
CA HIS A 40 -27.44 -6.59 -9.47
C HIS A 40 -26.53 -6.83 -8.27
N LEU A 41 -25.21 -6.93 -8.52
CA LEU A 41 -24.26 -7.11 -7.42
C LEU A 41 -24.34 -5.95 -6.44
N ALA A 42 -24.46 -4.73 -6.96
CA ALA A 42 -24.54 -3.56 -6.08
C ALA A 42 -25.77 -3.62 -5.19
N ALA A 43 -26.91 -3.99 -5.75
CA ALA A 43 -28.13 -4.08 -4.93
C ALA A 43 -27.97 -5.12 -3.82
N GLU A 44 -27.36 -6.27 -4.13
CA GLU A 44 -27.20 -7.29 -3.09
C GLU A 44 -26.19 -6.86 -2.03
N GLU A 45 -25.15 -6.13 -2.46
CA GLU A 45 -24.22 -5.56 -1.49
C GLU A 45 -24.92 -4.57 -0.58
N LYS A 46 -25.90 -3.83 -1.11
CA LYS A 46 -26.66 -2.92 -0.27
C LYS A 46 -27.47 -3.68 0.77
N GLU A 47 -27.98 -4.86 0.40
CA GLU A 47 -28.57 -5.72 1.44
C GLU A 47 -27.54 -6.04 2.52
N HIS A 48 -26.30 -6.36 2.12
CA HIS A 48 -25.28 -6.68 3.13
C HIS A 48 -25.01 -5.47 4.05
N VAL A 49 -25.00 -4.28 3.46
CA VAL A 49 -24.86 -3.05 4.27
C VAL A 49 -25.97 -2.96 5.31
N SER A 50 -27.24 -3.12 4.88
CA SER A 50 -28.35 -3.07 5.83
C SER A 50 -28.16 -4.08 6.96
N GLU A 51 -27.76 -5.30 6.61
CA GLU A 51 -27.61 -6.33 7.64
C GLU A 51 -26.51 -5.97 8.63
N ALA A 52 -25.38 -5.45 8.14
CA ALA A 52 -24.29 -5.10 9.04
C ALA A 52 -24.65 -3.91 9.92
N VAL A 53 -25.37 -2.92 9.38
CA VAL A 53 -25.84 -1.80 10.20
C VAL A 53 -26.78 -2.30 11.28
N HIS A 54 -27.63 -3.28 10.95
CA HIS A 54 -28.54 -3.81 11.94
C HIS A 54 -27.78 -4.58 13.03
N MET A 55 -26.77 -5.37 12.64
CA MET A 55 -25.91 -6.03 13.63
C MET A 55 -25.24 -5.01 14.53
N LEU A 56 -24.63 -3.99 13.93
CA LEU A 56 -23.99 -2.93 14.67
C LEU A 56 -24.96 -2.28 15.64
N ARG A 57 -26.21 -2.12 15.23
CA ARG A 57 -27.20 -1.54 16.11
C ARG A 57 -27.48 -2.44 17.31
N MET A 58 -27.64 -3.74 17.07
CA MET A 58 -27.81 -4.67 18.19
C MET A 58 -26.65 -4.59 19.17
N LEU A 59 -25.41 -4.62 18.67
CA LEU A 59 -24.26 -4.81 19.55
C LEU A 59 -23.72 -3.51 20.15
N ASP A 60 -23.46 -2.51 19.32
CA ASP A 60 -22.84 -1.26 19.79
C ASP A 60 -23.84 -0.44 20.61
N SER A 61 -23.40 -0.03 21.80
CA SER A 61 -24.24 0.82 22.65
C SER A 61 -24.23 2.27 22.17
N GLY A 62 -23.07 2.79 21.79
CA GLY A 62 -22.96 4.18 21.38
C GLY A 62 -23.56 4.50 20.03
N GLN A 63 -23.84 3.48 19.21
CA GLN A 63 -24.45 3.68 17.90
C GLN A 63 -25.98 3.73 18.03
N ASN A 64 -26.58 2.62 18.42
CA ASN A 64 -28.01 2.54 18.66
C ASN A 64 -28.43 3.39 19.86
N ASP B 3 -11.00 -3.49 -19.89
CA ASP B 3 -12.30 -3.74 -20.48
C ASP B 3 -13.26 -4.45 -19.51
N ASP B 4 -14.36 -4.97 -20.06
CA ASP B 4 -15.37 -5.58 -19.19
C ASP B 4 -14.84 -6.84 -18.53
N VAL B 5 -14.14 -7.69 -19.27
CA VAL B 5 -13.64 -8.93 -18.70
C VAL B 5 -12.66 -8.64 -17.56
N ALA B 6 -11.81 -7.63 -17.72
CA ALA B 6 -10.87 -7.28 -16.65
C ALA B 6 -11.62 -6.82 -15.40
N ARG B 7 -12.73 -6.09 -15.58
CA ARG B 7 -13.52 -5.66 -14.43
C ARG B 7 -14.17 -6.85 -13.73
N ILE B 8 -14.67 -7.81 -14.51
CA ILE B 8 -15.23 -9.01 -13.90
C ILE B 8 -14.16 -9.75 -13.11
N ARG B 9 -12.94 -9.83 -13.67
CA ARG B 9 -11.87 -10.52 -12.96
C ARG B 9 -11.53 -9.80 -11.65
N LEU B 10 -11.51 -8.46 -11.68
CA LEU B 10 -11.19 -7.70 -10.47
C LEU B 10 -12.25 -7.90 -9.40
N VAL B 11 -13.51 -7.88 -9.80
CA VAL B 11 -14.61 -8.12 -8.86
C VAL B 11 -14.53 -9.51 -8.27
N LEU B 12 -14.23 -10.51 -9.10
CA LEU B 12 -14.09 -11.88 -8.60
C LEU B 12 -12.95 -11.99 -7.58
N ALA B 13 -11.78 -11.43 -7.90
CA ALA B 13 -10.67 -11.45 -6.93
C ALA B 13 -11.05 -10.76 -5.63
N ARG B 14 -11.75 -9.62 -5.72
CA ARG B 14 -12.14 -8.92 -4.50
C ARG B 14 -13.11 -9.76 -3.68
N GLU B 15 -14.07 -10.41 -4.34
CA GLU B 15 -15.02 -11.27 -3.63
C GLU B 15 -14.32 -12.43 -2.96
N LEU B 16 -13.28 -12.99 -3.59
CA LEU B 16 -12.57 -14.10 -2.98
C LEU B 16 -11.86 -13.65 -1.69
N GLU B 17 -11.21 -12.48 -1.76
CA GLU B 17 -10.61 -11.92 -0.56
C GLU B 17 -11.66 -11.61 0.51
N THR B 18 -12.84 -11.15 0.09
CA THR B 18 -13.90 -10.84 1.03
C THR B 18 -14.36 -12.10 1.76
N ILE B 19 -14.53 -13.21 1.03
CA ILE B 19 -14.89 -14.47 1.66
C ILE B 19 -13.85 -14.84 2.72
N ASN B 20 -12.57 -14.77 2.36
CA ASN B 20 -11.52 -15.04 3.33
C ASN B 20 -11.69 -14.21 4.58
N GLU B 21 -12.01 -12.93 4.41
CA GLU B 21 -12.21 -12.06 5.57
C GLU B 21 -13.39 -12.51 6.43
N TYR B 22 -14.52 -12.78 5.78
CA TYR B 22 -15.72 -13.21 6.50
C TYR B 22 -15.44 -14.48 7.31
N GLU B 23 -14.74 -15.44 6.72
CA GLU B 23 -14.50 -16.70 7.43
C GLU B 23 -13.49 -16.51 8.56
N ALA B 24 -12.44 -15.72 8.34
CA ALA B 24 -11.52 -15.42 9.44
C ALA B 24 -12.24 -14.74 10.59
N TYR B 25 -13.15 -13.81 10.28
CA TYR B 25 -13.86 -13.09 11.33
C TYR B 25 -14.85 -14.00 12.06
N ALA B 26 -15.51 -14.88 11.33
CA ALA B 26 -16.31 -15.92 11.95
C ALA B 26 -15.49 -16.72 12.96
N ARG B 27 -14.29 -17.15 12.55
CA ARG B 27 -13.47 -17.96 13.44
C ARG B 27 -13.01 -17.18 14.66
N ALA B 28 -12.74 -15.88 14.51
CA ALA B 28 -12.24 -15.09 15.63
C ALA B 28 -13.33 -14.52 16.51
N SER B 29 -14.60 -14.65 16.13
CA SER B 29 -15.68 -13.99 16.87
C SER B 29 -15.92 -14.65 18.22
N SER B 30 -16.18 -13.84 19.24
CA SER B 30 -16.49 -14.38 20.56
C SER B 30 -17.98 -14.67 20.72
N ASN B 31 -18.83 -13.78 20.24
CA ASN B 31 -20.28 -13.96 20.27
C ASN B 31 -20.70 -14.96 19.20
N PRO B 32 -21.35 -16.06 19.55
CA PRO B 32 -21.77 -17.02 18.51
C PRO B 32 -22.75 -16.44 17.50
N GLU B 33 -23.53 -15.41 17.88
CA GLU B 33 -24.42 -14.78 16.92
C GLU B 33 -23.66 -13.95 15.91
N VAL B 34 -22.57 -13.29 16.35
CA VAL B 34 -21.68 -12.62 15.40
C VAL B 34 -21.03 -13.64 14.48
N ARG B 35 -20.56 -14.75 15.06
CA ARG B 35 -20.00 -15.83 14.25
C ARG B 35 -20.96 -16.25 13.14
N ALA B 36 -22.23 -16.51 13.52
CA ALA B 36 -23.23 -16.95 12.55
C ALA B 36 -23.47 -15.88 11.50
N PHE B 37 -23.46 -14.61 11.90
CA PHE B 37 -23.61 -13.51 10.94
C PHE B 37 -22.49 -13.54 9.90
N PHE B 38 -21.24 -13.68 10.35
CA PHE B 38 -20.13 -13.76 9.40
C PHE B 38 -20.23 -15.01 8.52
N GLN B 39 -20.74 -16.12 9.05
CA GLN B 39 -20.92 -17.30 8.23
C GLN B 39 -21.97 -17.07 7.15
N HIS B 40 -23.05 -16.39 7.52
CA HIS B 40 -24.10 -16.02 6.58
C HIS B 40 -23.56 -15.12 5.47
N LEU B 41 -22.76 -14.12 5.85
CA LEU B 41 -22.13 -13.26 4.84
C LEU B 41 -21.24 -14.08 3.92
N ALA B 42 -20.45 -15.00 4.49
CA ALA B 42 -19.58 -15.81 3.65
C ALA B 42 -20.39 -16.62 2.63
N ALA B 43 -21.50 -17.22 3.06
CA ALA B 43 -22.33 -17.99 2.12
C ALA B 43 -22.87 -17.10 0.99
N GLU B 44 -23.32 -15.90 1.34
CA GLU B 44 -23.81 -15.00 0.28
C GLU B 44 -22.70 -14.59 -0.68
N GLU B 45 -21.51 -14.29 -0.14
CA GLU B 45 -20.40 -13.91 -1.03
C GLU B 45 -19.99 -15.06 -1.92
N LYS B 46 -20.10 -16.29 -1.42
CA LYS B 46 -19.77 -17.47 -2.25
C LYS B 46 -20.74 -17.52 -3.45
N GLU B 47 -22.00 -17.16 -3.24
CA GLU B 47 -22.98 -17.10 -4.34
C GLU B 47 -22.51 -16.04 -5.34
N HIS B 48 -22.03 -14.90 -4.83
CA HIS B 48 -21.51 -13.88 -5.75
C HIS B 48 -20.33 -14.40 -6.58
N VAL B 49 -19.48 -15.20 -5.95
CA VAL B 49 -18.36 -15.79 -6.68
C VAL B 49 -18.87 -16.70 -7.80
N SER B 50 -19.90 -17.50 -7.51
CA SER B 50 -20.46 -18.37 -8.55
C SER B 50 -20.99 -17.54 -9.73
N GLU B 51 -21.71 -16.47 -9.42
CA GLU B 51 -22.22 -15.60 -10.48
C GLU B 51 -21.09 -14.97 -11.30
N ALA B 52 -20.03 -14.52 -10.64
CA ALA B 52 -18.93 -13.88 -11.36
C ALA B 52 -18.19 -14.89 -12.23
N VAL B 53 -17.97 -16.10 -11.73
CA VAL B 53 -17.33 -17.15 -12.52
C VAL B 53 -18.16 -17.46 -13.75
N HIS B 54 -19.49 -17.54 -13.59
CA HIS B 54 -20.38 -17.76 -14.73
C HIS B 54 -20.23 -16.66 -15.76
N MET B 55 -20.30 -15.40 -15.32
CA MET B 55 -20.10 -14.26 -16.21
C MET B 55 -18.77 -14.39 -16.95
N LEU B 56 -17.70 -14.68 -16.21
CA LEU B 56 -16.37 -14.76 -16.83
C LEU B 56 -16.33 -15.87 -17.87
N ARG B 57 -16.94 -17.01 -17.55
CA ARG B 57 -16.95 -18.16 -18.49
C ARG B 57 -17.76 -17.78 -19.74
N MET B 58 -18.75 -16.89 -19.59
CA MET B 58 -19.51 -16.46 -20.76
C MET B 58 -18.76 -15.42 -21.58
N LEU B 59 -18.02 -14.51 -20.93
CA LEU B 59 -17.41 -13.44 -21.72
C LEU B 59 -16.00 -13.75 -22.19
N ASP B 60 -15.37 -14.79 -21.66
CA ASP B 60 -13.98 -15.15 -21.97
C ASP B 60 -14.04 -16.59 -22.49
N SER B 61 -14.07 -16.73 -23.81
CA SER B 61 -14.12 -18.07 -24.38
C SER B 61 -12.83 -18.82 -24.11
N GLY B 62 -11.73 -18.08 -23.91
CA GLY B 62 -10.49 -18.71 -23.47
C GLY B 62 -10.57 -19.27 -22.06
N GLN B 63 -11.38 -18.65 -21.19
CA GLN B 63 -11.56 -19.18 -19.84
C GLN B 63 -12.54 -20.34 -19.84
N ASN B 64 -13.61 -20.23 -20.64
CA ASN B 64 -14.53 -21.35 -20.81
C ASN B 64 -13.88 -22.55 -21.48
N ASP B 65 -12.77 -22.34 -22.20
CA ASP B 65 -12.07 -23.46 -22.84
C ASP B 65 -11.66 -24.52 -21.82
N HIS B 66 -10.99 -24.09 -20.74
CA HIS B 66 -10.59 -25.04 -19.67
C HIS B 66 -11.75 -25.20 -18.69
N PHE B 67 -12.83 -24.44 -18.89
CA PHE B 67 -14.00 -24.51 -17.98
C PHE B 67 -15.15 -25.24 -18.69
N LEU C 2 6.36 2.81 -19.89
CA LEU C 2 6.93 1.48 -19.99
C LEU C 2 7.03 1.05 -21.45
N ASP C 3 8.13 0.38 -21.81
CA ASP C 3 8.30 -0.23 -23.11
C ASP C 3 8.20 -1.75 -22.97
N ASP C 4 8.29 -2.44 -24.11
CA ASP C 4 8.13 -3.89 -24.12
C ASP C 4 9.09 -4.57 -23.16
N VAL C 5 10.35 -4.12 -23.13
CA VAL C 5 11.33 -4.77 -22.26
C VAL C 5 10.96 -4.56 -20.80
N ALA C 6 10.44 -3.36 -20.47
CA ALA C 6 10.02 -3.11 -19.11
C ALA C 6 8.82 -3.97 -18.73
N ARG C 7 7.93 -4.23 -19.69
CA ARG C 7 6.79 -5.12 -19.41
C ARG C 7 7.27 -6.55 -19.19
N ILE C 8 8.22 -7.00 -20.00
CA ILE C 8 8.81 -8.33 -19.80
C ILE C 8 9.40 -8.44 -18.41
N ARG C 9 10.13 -7.39 -18.00
CA ARG C 9 10.74 -7.38 -16.67
C ARG C 9 9.68 -7.42 -15.58
N LEU C 10 8.60 -6.66 -15.73
CA LEU C 10 7.57 -6.69 -14.68
C LEU C 10 6.90 -8.05 -14.60
N VAL C 11 6.63 -8.67 -15.75
CA VAL C 11 6.03 -10.00 -15.75
C VAL C 11 6.96 -10.99 -15.05
N LEU C 12 8.26 -10.89 -15.33
CA LEU C 12 9.21 -11.82 -14.75
C LEU C 12 9.31 -11.62 -13.23
N ALA C 13 9.38 -10.36 -12.79
CA ALA C 13 9.37 -10.08 -11.36
C ALA C 13 8.12 -10.65 -10.70
N ARG C 14 6.96 -10.47 -11.32
CA ARG C 14 5.72 -10.98 -10.75
C ARG C 14 5.73 -12.51 -10.68
N GLU C 15 6.24 -13.16 -11.73
CA GLU C 15 6.33 -14.63 -11.74
C GLU C 15 7.23 -15.15 -10.62
N LEU C 16 8.39 -14.52 -10.42
CA LEU C 16 9.28 -14.93 -9.34
C LEU C 16 8.60 -14.79 -7.98
N GLU C 17 7.90 -13.66 -7.76
CA GLU C 17 7.18 -13.51 -6.50
C GLU C 17 6.05 -14.54 -6.38
N THR C 18 5.42 -14.89 -7.51
CA THR C 18 4.35 -15.88 -7.50
C THR C 18 4.89 -17.24 -7.09
N ILE C 19 6.04 -17.63 -7.63
CA ILE C 19 6.67 -18.89 -7.23
C ILE C 19 6.93 -18.88 -5.74
N ASN C 20 7.37 -17.73 -5.20
CA ASN C 20 7.57 -17.63 -3.75
C ASN C 20 6.27 -17.88 -3.00
N GLU C 21 5.17 -17.30 -3.47
CA GLU C 21 3.88 -17.48 -2.80
C GLU C 21 3.43 -18.94 -2.86
N TYR C 22 3.57 -19.57 -4.03
CA TYR C 22 3.17 -20.96 -4.22
C TYR C 22 3.95 -21.89 -3.31
N GLU C 23 5.27 -21.69 -3.22
CA GLU C 23 6.07 -22.53 -2.36
C GLU C 23 5.75 -22.30 -0.89
N ALA C 24 5.55 -21.05 -0.48
CA ALA C 24 5.16 -20.78 0.90
C ALA C 24 3.83 -21.44 1.24
N TYR C 25 2.86 -21.38 0.32
CA TYR C 25 1.56 -21.98 0.60
C TYR C 25 1.64 -23.49 0.62
N ALA C 26 2.45 -24.08 -0.26
CA ALA C 26 2.68 -25.53 -0.19
C ALA C 26 3.25 -25.93 1.16
N ARG C 27 4.21 -25.14 1.69
CA ARG C 27 4.74 -25.45 3.01
C ARG C 27 3.67 -25.29 4.10
N ALA C 28 2.79 -24.31 3.95
CA ALA C 28 1.85 -24.01 5.03
C ALA C 28 0.60 -24.88 5.00
N SER C 29 0.30 -25.55 3.89
CA SER C 29 -0.99 -26.21 3.76
C SER C 29 -0.99 -27.56 4.46
N SER C 30 -2.18 -27.99 4.89
CA SER C 30 -2.32 -29.24 5.62
C SER C 30 -2.83 -30.39 4.76
N ASN C 31 -3.71 -30.13 3.80
CA ASN C 31 -4.20 -31.20 2.93
C ASN C 31 -3.11 -31.61 1.94
N PRO C 32 -2.80 -32.91 1.83
CA PRO C 32 -1.75 -33.33 0.88
C PRO C 32 -2.04 -32.93 -0.56
N GLU C 33 -3.29 -32.99 -0.98
CA GLU C 33 -3.61 -32.62 -2.36
C GLU C 33 -3.50 -31.11 -2.57
N VAL C 34 -3.77 -30.31 -1.55
CA VAL C 34 -3.55 -28.87 -1.66
C VAL C 34 -2.06 -28.56 -1.72
N ARG C 35 -1.26 -29.27 -0.91
CA ARG C 35 0.18 -29.10 -0.99
C ARG C 35 0.71 -29.46 -2.38
N ALA C 36 0.24 -30.58 -2.93
CA ALA C 36 0.67 -30.98 -4.27
C ALA C 36 0.18 -29.99 -5.34
N PHE C 37 -1.01 -29.43 -5.14
CA PHE C 37 -1.51 -28.41 -6.08
C PHE C 37 -0.59 -27.20 -6.11
N PHE C 38 -0.19 -26.71 -4.94
CA PHE C 38 0.68 -25.53 -4.89
C PHE C 38 2.06 -25.85 -5.46
N GLN C 39 2.59 -27.05 -5.18
CA GLN C 39 3.88 -27.44 -5.76
C GLN C 39 3.82 -27.51 -7.28
N HIS C 40 2.70 -28.03 -7.81
CA HIS C 40 2.54 -28.12 -9.25
C HIS C 40 2.46 -26.72 -9.87
N LEU C 41 1.73 -25.81 -9.24
CA LEU C 41 1.68 -24.45 -9.76
C LEU C 41 3.07 -23.82 -9.76
N ALA C 42 3.85 -24.07 -8.71
CA ALA C 42 5.21 -23.52 -8.66
C ALA C 42 6.06 -24.04 -9.82
N ALA C 43 5.99 -25.34 -10.11
CA ALA C 43 6.77 -25.89 -11.22
C ALA C 43 6.40 -25.22 -12.55
N GLU C 44 5.11 -25.06 -12.80
CA GLU C 44 4.71 -24.46 -14.07
C GLU C 44 5.08 -22.98 -14.15
N GLU C 45 5.06 -22.28 -13.01
CA GLU C 45 5.53 -20.90 -13.02
C GLU C 45 7.03 -20.81 -13.27
N LYS C 46 7.80 -21.79 -12.80
CA LYS C 46 9.22 -21.82 -13.13
C LYS C 46 9.42 -21.93 -14.64
N GLU C 47 8.58 -22.73 -15.30
CA GLU C 47 8.66 -22.78 -16.76
C GLU C 47 8.35 -21.41 -17.38
N HIS C 48 7.35 -20.71 -16.85
CA HIS C 48 7.07 -19.37 -17.39
C HIS C 48 8.27 -18.43 -17.18
N VAL C 49 8.96 -18.56 -16.04
CA VAL C 49 10.14 -17.73 -15.78
C VAL C 49 11.22 -17.99 -16.83
N SER C 50 11.43 -19.26 -17.17
CA SER C 50 12.40 -19.58 -18.23
C SER C 50 12.04 -18.87 -19.54
N GLU C 51 10.77 -18.93 -19.91
CA GLU C 51 10.35 -18.27 -21.15
C GLU C 51 10.56 -16.76 -21.05
N ALA C 52 10.26 -16.18 -19.88
CA ALA C 52 10.41 -14.74 -19.70
C ALA C 52 11.86 -14.30 -19.84
N VAL C 53 12.80 -15.07 -19.27
CA VAL C 53 14.20 -14.67 -19.34
C VAL C 53 14.72 -14.84 -20.76
N HIS C 54 14.29 -15.89 -21.47
CA HIS C 54 14.65 -16.00 -22.88
C HIS C 54 14.19 -14.78 -23.63
N MET C 55 12.96 -14.33 -23.35
CA MET C 55 12.39 -13.26 -24.13
C MET C 55 13.13 -11.96 -23.81
N LEU C 56 13.46 -11.78 -22.52
CA LEU C 56 14.19 -10.63 -22.04
C LEU C 56 15.56 -10.54 -22.70
N ARG C 57 16.27 -11.68 -22.76
CA ARG C 57 17.59 -11.68 -23.39
C ARG C 57 17.49 -11.40 -24.89
N MET C 58 16.48 -11.97 -25.54
CA MET C 58 16.27 -11.74 -26.97
C MET C 58 16.08 -10.25 -27.26
N LEU C 59 15.38 -9.53 -26.37
CA LEU C 59 15.01 -8.16 -26.66
C LEU C 59 15.91 -7.10 -26.03
N ASP C 60 16.77 -7.47 -25.08
CA ASP C 60 17.65 -6.52 -24.39
C ASP C 60 19.08 -6.92 -24.69
N SER C 61 19.72 -6.22 -25.62
CA SER C 61 21.11 -6.52 -25.94
C SER C 61 22.01 -6.32 -24.73
N GLY C 62 21.75 -5.28 -23.95
CA GLY C 62 22.57 -5.01 -22.77
C GLY C 62 22.43 -6.09 -21.71
N GLN C 63 21.21 -6.61 -21.50
CA GLN C 63 21.04 -7.74 -20.60
C GLN C 63 21.69 -8.99 -21.16
N ASN C 64 21.48 -9.26 -22.46
CA ASN C 64 22.04 -10.45 -23.10
C ASN C 64 23.57 -10.47 -23.00
N ASP C 65 24.18 -9.28 -23.02
CA ASP C 65 25.66 -9.19 -22.87
C ASP C 65 26.02 -9.50 -21.42
N HIS C 66 25.01 -9.64 -20.55
CA HIS C 66 25.22 -9.97 -19.12
C HIS C 66 25.85 -8.77 -18.39
N ASP D 1 -5.16 -15.95 10.14
CA ASP D 1 -5.59 -17.34 10.31
C ASP D 1 -6.03 -17.92 8.99
N LEU D 2 -5.09 -18.11 8.07
CA LEU D 2 -5.39 -18.73 6.79
C LEU D 2 -5.38 -20.25 6.89
N ASP D 3 -6.41 -20.86 6.32
CA ASP D 3 -6.49 -22.29 6.10
C ASP D 3 -6.31 -22.58 4.61
N ASP D 4 -6.38 -23.87 4.27
CA ASP D 4 -6.10 -24.32 2.91
C ASP D 4 -6.99 -23.59 1.90
N VAL D 5 -8.29 -23.53 2.19
CA VAL D 5 -9.22 -22.92 1.25
C VAL D 5 -8.92 -21.43 1.09
N ALA D 6 -8.54 -20.77 2.18
CA ALA D 6 -8.19 -19.35 2.08
C ALA D 6 -6.98 -19.15 1.18
N ARG D 7 -6.01 -20.06 1.27
CA ARG D 7 -4.83 -19.95 0.41
C ARG D 7 -5.19 -20.19 -1.05
N ILE D 8 -6.11 -21.12 -1.29
CA ILE D 8 -6.60 -21.35 -2.65
C ILE D 8 -7.26 -20.09 -3.20
N ARG D 9 -8.07 -19.44 -2.38
CA ARG D 9 -8.77 -18.24 -2.83
C ARG D 9 -7.79 -17.13 -3.16
N LEU D 10 -6.74 -16.98 -2.34
CA LEU D 10 -5.73 -15.96 -2.63
C LEU D 10 -4.98 -16.25 -3.92
N VAL D 11 -4.64 -17.52 -4.15
CA VAL D 11 -3.94 -17.86 -5.38
C VAL D 11 -4.81 -17.56 -6.59
N LEU D 12 -6.09 -17.90 -6.51
CA LEU D 12 -7.03 -17.61 -7.59
C LEU D 12 -7.15 -16.10 -7.83
N ALA D 13 -7.26 -15.31 -6.75
CA ALA D 13 -7.38 -13.86 -6.93
C ALA D 13 -6.14 -13.29 -7.61
N ARG D 14 -4.95 -13.80 -7.23
CA ARG D 14 -3.71 -13.33 -7.85
C ARG D 14 -3.61 -13.74 -9.31
N GLU D 15 -3.91 -15.00 -9.61
CA GLU D 15 -3.99 -15.46 -11.00
C GLU D 15 -4.90 -14.57 -11.85
N LEU D 16 -6.07 -14.19 -11.33
CA LEU D 16 -6.99 -13.37 -12.11
C LEU D 16 -6.39 -12.00 -12.41
N GLU D 17 -5.81 -11.37 -11.37
CA GLU D 17 -5.13 -10.10 -11.60
C GLU D 17 -3.99 -10.26 -12.61
N THR D 18 -3.30 -11.39 -12.55
CA THR D 18 -2.19 -11.65 -13.47
C THR D 18 -2.70 -11.75 -14.91
N ILE D 19 -3.85 -12.38 -15.11
CA ILE D 19 -4.42 -12.46 -16.45
C ILE D 19 -4.74 -11.06 -16.95
N ASN D 20 -5.35 -10.23 -16.09
CA ASN D 20 -5.55 -8.83 -16.45
C ASN D 20 -4.24 -8.18 -16.91
N GLU D 21 -3.17 -8.37 -16.15
CA GLU D 21 -1.89 -7.75 -16.52
C GLU D 21 -1.41 -8.26 -17.88
N TYR D 22 -1.49 -9.57 -18.09
CA TYR D 22 -0.99 -10.15 -19.33
C TYR D 22 -1.74 -9.59 -20.54
N GLU D 23 -3.06 -9.50 -20.45
CA GLU D 23 -3.84 -8.97 -21.57
C GLU D 23 -3.56 -7.49 -21.79
N ALA D 24 -3.38 -6.74 -20.69
CA ALA D 24 -3.04 -5.32 -20.84
C ALA D 24 -1.69 -5.13 -21.52
N TYR D 25 -0.69 -5.91 -21.11
CA TYR D 25 0.64 -5.79 -21.72
C TYR D 25 0.61 -6.22 -23.17
N ALA D 26 -0.13 -7.28 -23.49
CA ALA D 26 -0.29 -7.68 -24.87
C ALA D 26 -0.90 -6.56 -25.71
N ARG D 27 -1.87 -5.84 -25.14
CA ARG D 27 -2.44 -4.69 -25.85
C ARG D 27 -1.41 -3.59 -26.04
N ALA D 28 -0.73 -3.21 -24.96
CA ALA D 28 0.11 -2.02 -24.95
C ALA D 28 1.42 -2.21 -25.69
N SER D 29 1.82 -3.44 -25.96
CA SER D 29 3.16 -3.68 -26.47
C SER D 29 3.22 -3.46 -27.97
N SER D 30 4.42 -3.14 -28.46
CA SER D 30 4.64 -2.79 -29.87
C SER D 30 4.93 -4.03 -30.71
N ASN D 31 6.04 -4.71 -30.40
CA ASN D 31 6.46 -5.93 -31.06
C ASN D 31 5.35 -6.99 -31.08
N PRO D 32 4.95 -7.49 -32.26
CA PRO D 32 4.02 -8.62 -32.27
C PRO D 32 4.56 -9.88 -31.63
N GLU D 33 5.88 -10.04 -31.57
CA GLU D 33 6.46 -11.18 -30.86
C GLU D 33 6.15 -11.11 -29.36
N VAL D 34 6.32 -9.93 -28.76
CA VAL D 34 5.98 -9.81 -27.34
C VAL D 34 4.48 -9.88 -27.16
N ARG D 35 3.71 -9.38 -28.13
CA ARG D 35 2.25 -9.56 -28.09
C ARG D 35 1.89 -11.03 -27.95
N ALA D 36 2.42 -11.87 -28.85
CA ALA D 36 2.11 -13.28 -28.81
C ALA D 36 2.60 -13.92 -27.51
N PHE D 37 3.77 -13.49 -27.03
CA PHE D 37 4.28 -14.00 -25.76
C PHE D 37 3.29 -13.76 -24.63
N PHE D 38 2.80 -12.52 -24.50
CA PHE D 38 1.87 -12.19 -23.43
C PHE D 38 0.54 -12.91 -23.61
N GLN D 39 0.12 -13.13 -24.87
CA GLN D 39 -1.10 -13.88 -25.12
C GLN D 39 -0.98 -15.32 -24.64
N HIS D 40 0.15 -15.96 -24.96
CA HIS D 40 0.37 -17.33 -24.51
C HIS D 40 0.42 -17.42 -22.99
N LEU D 41 1.04 -16.42 -22.35
CA LEU D 41 1.06 -16.39 -20.88
C LEU D 41 -0.36 -16.28 -20.32
N ALA D 42 -1.18 -15.41 -20.92
CA ALA D 42 -2.57 -15.29 -20.49
C ALA D 42 -3.32 -16.61 -20.61
N ALA D 43 -3.13 -17.33 -21.72
CA ALA D 43 -3.86 -18.58 -21.92
C ALA D 43 -3.47 -19.63 -20.87
N GLU D 44 -2.17 -19.79 -20.60
CA GLU D 44 -1.82 -20.78 -19.57
C GLU D 44 -2.27 -20.33 -18.18
N GLU D 45 -2.24 -19.03 -17.91
CA GLU D 45 -2.79 -18.58 -16.63
C GLU D 45 -4.27 -18.90 -16.51
N LYS D 46 -5.00 -18.86 -17.64
CA LYS D 46 -6.42 -19.20 -17.57
C LYS D 46 -6.60 -20.68 -17.25
N GLU D 47 -5.75 -21.54 -17.81
CA GLU D 47 -5.75 -22.93 -17.38
C GLU D 47 -5.56 -23.05 -15.88
N HIS D 48 -4.62 -22.29 -15.32
CA HIS D 48 -4.41 -22.33 -13.87
C HIS D 48 -5.65 -21.88 -13.11
N VAL D 49 -6.34 -20.85 -13.61
CA VAL D 49 -7.55 -20.40 -12.94
C VAL D 49 -8.58 -21.52 -12.90
N SER D 50 -8.71 -22.27 -14.00
CA SER D 50 -9.66 -23.38 -14.02
C SER D 50 -9.31 -24.43 -12.95
N GLU D 51 -8.02 -24.78 -12.86
CA GLU D 51 -7.59 -25.74 -11.84
C GLU D 51 -7.91 -25.22 -10.44
N ALA D 52 -7.61 -23.94 -10.19
CA ALA D 52 -7.90 -23.36 -8.88
C ALA D 52 -9.37 -23.40 -8.56
N VAL D 53 -10.23 -23.18 -9.57
CA VAL D 53 -11.66 -23.13 -9.31
C VAL D 53 -12.17 -24.53 -8.96
N HIS D 54 -11.66 -25.56 -9.64
CA HIS D 54 -12.03 -26.92 -9.28
C HIS D 54 -11.58 -27.26 -7.85
N MET D 55 -10.32 -26.96 -7.51
CA MET D 55 -9.86 -27.16 -6.14
C MET D 55 -10.76 -26.45 -5.15
N LEU D 56 -11.15 -25.21 -5.47
CA LEU D 56 -12.00 -24.44 -4.58
C LEU D 56 -13.36 -25.11 -4.40
N ARG D 57 -14.00 -25.49 -5.51
CA ARG D 57 -15.27 -26.19 -5.44
C ARG D 57 -15.17 -27.44 -4.58
N MET D 58 -14.01 -28.08 -4.59
CA MET D 58 -13.89 -29.38 -3.95
C MET D 58 -13.68 -29.21 -2.44
N LEU D 59 -12.80 -28.29 -2.06
CA LEU D 59 -12.57 -27.97 -0.65
C LEU D 59 -13.75 -27.26 0.02
N ASP D 60 -14.56 -26.54 -0.74
CA ASP D 60 -15.55 -25.63 -0.16
C ASP D 60 -16.95 -26.09 -0.54
N SER D 61 -17.65 -26.70 0.42
CA SER D 61 -19.02 -27.16 0.20
C SER D 61 -19.90 -26.04 -0.34
N GLY D 62 -19.80 -24.85 0.26
CA GLY D 62 -20.63 -23.70 -0.07
C GLY D 62 -20.43 -23.14 -1.46
N GLN D 63 -19.34 -23.51 -2.14
CA GLN D 63 -19.14 -23.10 -3.54
C GLN D 63 -19.97 -24.02 -4.43
N ASN D 64 -21.12 -23.53 -4.89
CA ASN D 64 -22.06 -24.31 -5.67
C ASN D 64 -22.45 -25.59 -4.93
N LEU E 2 10.28 -18.66 4.27
CA LEU E 2 11.19 -17.93 3.40
C LEU E 2 12.59 -18.53 3.48
N ASP E 3 13.04 -19.21 2.42
CA ASP E 3 14.37 -19.82 2.37
C ASP E 3 15.27 -19.05 1.40
N ASP E 4 16.48 -19.57 1.21
CA ASP E 4 17.50 -18.87 0.44
C ASP E 4 17.03 -18.63 -1.00
N VAL E 5 16.47 -19.66 -1.63
CA VAL E 5 16.01 -19.52 -3.01
C VAL E 5 14.94 -18.45 -3.11
N ALA E 6 14.08 -18.34 -2.08
CA ALA E 6 13.05 -17.31 -2.10
C ALA E 6 13.66 -15.92 -1.93
N ARG E 7 14.68 -15.79 -1.08
CA ARG E 7 15.36 -14.50 -0.94
C ARG E 7 16.02 -14.09 -2.26
N ILE E 8 16.55 -15.06 -2.99
CA ILE E 8 17.17 -14.74 -4.27
C ILE E 8 16.13 -14.35 -5.31
N ARG E 9 15.00 -15.05 -5.35
CA ARG E 9 13.92 -14.64 -6.23
C ARG E 9 13.46 -13.22 -5.91
N LEU E 10 13.39 -12.88 -4.62
CA LEU E 10 12.96 -11.53 -4.24
C LEU E 10 13.97 -10.48 -4.69
N VAL E 11 15.26 -10.74 -4.49
CA VAL E 11 16.30 -9.82 -4.96
C VAL E 11 16.24 -9.65 -6.47
N LEU E 12 16.00 -10.74 -7.20
CA LEU E 12 15.95 -10.65 -8.66
C LEU E 12 14.75 -9.83 -9.11
N ALA E 13 13.59 -10.03 -8.47
CA ALA E 13 12.40 -9.26 -8.82
C ALA E 13 12.59 -7.78 -8.53
N ARG E 14 13.10 -7.47 -7.33
CA ARG E 14 13.36 -6.08 -6.99
C ARG E 14 14.36 -5.44 -7.95
N GLU E 15 15.40 -6.18 -8.35
CA GLU E 15 16.36 -5.68 -9.32
C GLU E 15 15.72 -5.37 -10.67
N LEU E 16 14.86 -6.27 -11.16
CA LEU E 16 14.20 -6.01 -12.44
C LEU E 16 13.35 -4.74 -12.38
N GLU E 17 12.64 -4.56 -11.27
CA GLU E 17 11.78 -3.36 -11.09
C GLU E 17 12.69 -2.11 -10.97
N THR E 18 13.83 -2.27 -10.30
CA THR E 18 14.81 -1.20 -10.21
C THR E 18 15.31 -0.76 -11.58
N ILE E 19 15.64 -1.73 -12.44
CA ILE E 19 16.09 -1.40 -13.80
C ILE E 19 15.03 -0.59 -14.52
N ASN E 20 13.77 -1.06 -14.44
CA ASN E 20 12.66 -0.32 -15.04
C ASN E 20 12.60 1.12 -14.53
N GLU E 21 12.79 1.30 -13.22
CA GLU E 21 12.76 2.64 -12.65
C GLU E 21 13.90 3.49 -13.20
N TYR E 22 15.10 2.92 -13.28
CA TYR E 22 16.25 3.68 -13.77
C TYR E 22 16.04 4.14 -15.20
N GLU E 23 15.50 3.25 -16.05
CA GLU E 23 15.32 3.61 -17.44
C GLU E 23 14.19 4.62 -17.60
N ALA E 24 13.10 4.48 -16.83
CA ALA E 24 12.03 5.47 -16.87
C ALA E 24 12.54 6.84 -16.43
N TYR E 25 13.37 6.88 -15.38
CA TYR E 25 13.91 8.17 -14.92
C TYR E 25 14.85 8.76 -15.95
N ALA E 26 15.67 7.92 -16.59
CA ALA E 26 16.55 8.43 -17.65
C ALA E 26 15.73 9.05 -18.77
N ARG E 27 14.63 8.39 -19.18
CA ARG E 27 13.79 8.95 -20.22
C ARG E 27 13.13 10.26 -19.78
N ALA E 28 12.67 10.33 -18.52
CA ALA E 28 11.98 11.51 -18.00
C ALA E 28 12.90 12.68 -17.69
N SER E 29 14.23 12.50 -17.65
CA SER E 29 15.11 13.53 -17.10
C SER E 29 15.46 14.61 -18.12
N SER E 30 15.56 15.84 -17.63
CA SER E 30 15.87 16.99 -18.47
C SER E 30 17.37 17.24 -18.61
N ASN E 31 18.12 17.12 -17.54
CA ASN E 31 19.57 17.28 -17.59
C ASN E 31 20.22 16.04 -18.22
N PRO E 32 20.96 16.19 -19.31
CA PRO E 32 21.58 15.00 -19.93
C PRO E 32 22.53 14.26 -19.01
N GLU E 33 23.21 14.95 -18.10
CA GLU E 33 24.10 14.23 -17.18
C GLU E 33 23.29 13.39 -16.20
N VAL E 34 22.11 13.85 -15.80
CA VAL E 34 21.24 13.04 -14.97
C VAL E 34 20.72 11.84 -15.76
N ARG E 35 20.32 12.07 -17.01
CA ARG E 35 19.95 10.96 -17.89
C ARG E 35 21.05 9.89 -17.95
N ALA E 36 22.28 10.32 -18.21
CA ALA E 36 23.38 9.38 -18.34
C ALA E 36 23.64 8.65 -17.03
N PHE E 37 23.48 9.35 -15.91
CA PHE E 37 23.67 8.70 -14.61
C PHE E 37 22.63 7.60 -14.40
N PHE E 38 21.38 7.86 -14.78
CA PHE E 38 20.37 6.81 -14.66
C PHE E 38 20.66 5.65 -15.62
N GLN E 39 21.19 5.95 -16.81
CA GLN E 39 21.53 4.84 -17.71
C GLN E 39 22.69 4.01 -17.17
N HIS E 40 23.65 4.67 -16.53
CA HIS E 40 24.76 3.99 -15.86
C HIS E 40 24.26 3.05 -14.76
N LEU E 41 23.37 3.55 -13.90
CA LEU E 41 22.77 2.70 -12.87
C LEU E 41 22.01 1.53 -13.48
N ALA E 42 21.26 1.78 -14.56
CA ALA E 42 20.54 0.71 -15.22
C ALA E 42 21.48 -0.40 -15.69
N ALA E 43 22.60 -0.03 -16.31
CA ALA E 43 23.56 -1.02 -16.80
C ALA E 43 24.15 -1.83 -15.65
N GLU E 44 24.55 -1.16 -14.57
CA GLU E 44 25.07 -1.89 -13.41
C GLU E 44 24.03 -2.87 -12.85
N GLU E 45 22.78 -2.41 -12.75
CA GLU E 45 21.75 -3.28 -12.21
C GLU E 45 21.52 -4.49 -13.12
N LYS E 46 21.63 -4.32 -14.44
CA LYS E 46 21.53 -5.49 -15.32
C LYS E 46 22.64 -6.49 -15.05
N GLU E 47 23.83 -5.99 -14.71
CA GLU E 47 24.87 -6.91 -14.23
C GLU E 47 24.41 -7.68 -12.99
N HIS E 48 23.80 -6.97 -12.04
CA HIS E 48 23.26 -7.66 -10.86
C HIS E 48 22.22 -8.71 -11.22
N VAL E 49 21.43 -8.46 -12.26
CA VAL E 49 20.41 -9.43 -12.67
C VAL E 49 21.08 -10.69 -13.22
N SER E 50 22.10 -10.53 -14.06
CA SER E 50 22.85 -11.69 -14.53
C SER E 50 23.35 -12.53 -13.36
N GLU E 51 23.89 -11.86 -12.34
CA GLU E 51 24.43 -12.58 -11.18
C GLU E 51 23.34 -13.32 -10.41
N ALA E 52 22.20 -12.66 -10.19
CA ALA E 52 21.12 -13.29 -9.43
C ALA E 52 20.54 -14.48 -10.17
N VAL E 53 20.41 -14.36 -11.50
CA VAL E 53 19.90 -15.48 -12.29
C VAL E 53 20.84 -16.66 -12.19
N HIS E 54 22.15 -16.39 -12.27
CA HIS E 54 23.14 -17.44 -12.07
C HIS E 54 22.93 -18.13 -10.73
N MET E 55 22.84 -17.37 -9.64
CA MET E 55 22.67 -17.97 -8.32
C MET E 55 21.37 -18.77 -8.23
N LEU E 56 20.30 -18.26 -8.83
CA LEU E 56 19.00 -18.94 -8.74
C LEU E 56 19.04 -20.27 -9.46
N ARG E 57 19.68 -20.31 -10.62
CA ARG E 57 19.74 -21.57 -11.41
C ARG E 57 20.65 -22.58 -10.69
N MET E 58 21.63 -22.11 -9.93
CA MET E 58 22.58 -23.03 -9.26
C MET E 58 21.94 -23.59 -7.97
N LEU E 59 20.82 -23.02 -7.54
CA LEU E 59 20.22 -23.49 -6.26
C LEU E 59 18.83 -24.08 -6.52
N ASP E 60 18.28 -23.87 -7.72
CA ASP E 60 16.91 -24.34 -7.96
C ASP E 60 16.99 -25.24 -9.20
N SER E 61 17.19 -26.53 -8.98
CA SER E 61 17.28 -27.46 -10.11
C SER E 61 16.02 -27.45 -10.95
N GLY E 62 14.86 -27.24 -10.32
CA GLY E 62 13.62 -27.08 -11.07
C GLY E 62 13.59 -25.87 -11.96
N GLN E 63 14.42 -24.86 -11.66
CA GLN E 63 14.59 -23.70 -12.52
C GLN E 63 15.74 -23.93 -13.50
N ASP F 1 4.52 16.25 -9.18
CA ASP F 1 5.41 16.34 -10.33
C ASP F 1 6.87 16.44 -9.90
N LEU F 2 7.74 15.67 -10.55
CA LEU F 2 9.12 15.49 -10.12
C LEU F 2 10.06 16.25 -11.04
N ASP F 3 11.19 16.69 -10.49
CA ASP F 3 12.31 17.12 -11.31
C ASP F 3 13.49 16.18 -11.11
N ASP F 4 14.61 16.52 -11.76
CA ASP F 4 15.77 15.62 -11.78
C ASP F 4 16.29 15.34 -10.38
N VAL F 5 16.40 16.36 -9.55
CA VAL F 5 16.92 16.13 -8.21
C VAL F 5 15.97 15.25 -7.39
N ALA F 6 14.66 15.39 -7.61
CA ALA F 6 13.72 14.53 -6.88
C ALA F 6 13.86 13.09 -7.32
N ARG F 7 14.09 12.85 -8.62
CA ARG F 7 14.30 11.47 -9.08
C ARG F 7 15.58 10.88 -8.49
N ILE F 8 16.64 11.70 -8.38
CA ILE F 8 17.86 11.21 -7.75
C ILE F 8 17.61 10.87 -6.28
N ARG F 9 16.86 11.73 -5.57
CA ARG F 9 16.54 11.45 -4.16
C ARG F 9 15.76 10.15 -4.02
N LEU F 10 14.83 9.90 -4.94
CA LEU F 10 14.04 8.67 -4.88
C LEU F 10 14.91 7.44 -5.11
N VAL F 11 15.81 7.51 -6.08
CA VAL F 11 16.69 6.37 -6.32
C VAL F 11 17.59 6.12 -5.12
N LEU F 12 18.07 7.20 -4.49
CA LEU F 12 18.89 7.05 -3.29
C LEU F 12 18.11 6.39 -2.15
N ALA F 13 16.88 6.85 -1.90
CA ALA F 13 16.07 6.23 -0.84
C ALA F 13 15.85 4.75 -1.13
N ARG F 14 15.59 4.43 -2.40
CA ARG F 14 15.35 3.04 -2.77
C ARG F 14 16.60 2.20 -2.57
N GLU F 15 17.76 2.73 -2.96
CA GLU F 15 19.02 2.02 -2.76
C GLU F 15 19.27 1.75 -1.28
N LEU F 16 19.00 2.74 -0.43
CA LEU F 16 19.25 2.54 0.99
C LEU F 16 18.37 1.41 1.54
N GLU F 17 17.10 1.36 1.13
CA GLU F 17 16.27 0.24 1.55
C GLU F 17 16.76 -1.08 0.98
N THR F 18 17.33 -1.04 -0.23
CA THR F 18 17.85 -2.25 -0.85
C THR F 18 19.04 -2.79 -0.06
N ILE F 19 19.91 -1.90 0.42
CA ILE F 19 21.02 -2.33 1.26
C ILE F 19 20.48 -2.98 2.53
N ASN F 20 19.46 -2.36 3.13
CA ASN F 20 18.83 -3.01 4.30
C ASN F 20 18.40 -4.44 3.97
N GLU F 21 17.74 -4.63 2.83
CA GLU F 21 17.27 -5.96 2.45
C GLU F 21 18.43 -6.92 2.28
N TYR F 22 19.47 -6.49 1.55
CA TYR F 22 20.61 -7.37 1.29
C TYR F 22 21.28 -7.81 2.58
N GLU F 23 21.51 -6.86 3.49
CA GLU F 23 22.18 -7.22 4.74
C GLU F 23 21.32 -8.15 5.57
N ALA F 24 20.01 -7.91 5.62
CA ALA F 24 19.11 -8.80 6.35
C ALA F 24 19.12 -10.20 5.76
N TYR F 25 19.17 -10.31 4.44
CA TYR F 25 19.18 -11.64 3.81
C TYR F 25 20.51 -12.35 4.05
N ALA F 26 21.62 -11.59 4.03
CA ALA F 26 22.92 -12.18 4.34
C ALA F 26 22.95 -12.71 5.77
N ARG F 27 22.32 -12.00 6.71
CA ARG F 27 22.20 -12.51 8.07
C ARG F 27 21.30 -13.75 8.12
N ALA F 28 20.14 -13.69 7.47
CA ALA F 28 19.16 -14.76 7.59
C ALA F 28 19.67 -16.06 6.99
N SER F 29 20.52 -15.98 5.97
CA SER F 29 21.03 -17.19 5.35
C SER F 29 22.11 -17.83 6.23
N SER F 30 22.20 -19.15 6.15
CA SER F 30 23.28 -19.89 6.79
C SER F 30 24.28 -20.47 5.80
N ASN F 31 23.85 -20.69 4.56
CA ASN F 31 24.72 -21.14 3.49
C ASN F 31 25.75 -20.05 3.19
N PRO F 32 27.06 -20.36 3.27
CA PRO F 32 28.07 -19.31 3.08
C PRO F 32 28.08 -18.71 1.69
N GLU F 33 27.82 -19.51 0.64
CA GLU F 33 27.80 -18.94 -0.71
C GLU F 33 26.69 -17.92 -0.87
N VAL F 34 25.49 -18.20 -0.36
CA VAL F 34 24.38 -17.26 -0.45
C VAL F 34 24.67 -16.03 0.41
N ARG F 35 25.19 -16.24 1.62
CA ARG F 35 25.63 -15.12 2.45
C ARG F 35 26.56 -14.20 1.69
N ALA F 36 27.62 -14.76 1.09
CA ALA F 36 28.61 -13.94 0.41
C ALA F 36 28.01 -13.25 -0.81
N PHE F 37 27.11 -13.93 -1.52
CA PHE F 37 26.41 -13.28 -2.63
C PHE F 37 25.69 -12.03 -2.17
N PHE F 38 24.96 -12.14 -1.06
CA PHE F 38 24.21 -10.99 -0.55
C PHE F 38 25.13 -9.88 -0.04
N GLN F 39 26.27 -10.25 0.56
CA GLN F 39 27.20 -9.22 1.04
C GLN F 39 27.86 -8.50 -0.12
N HIS F 40 28.21 -9.24 -1.19
CA HIS F 40 28.72 -8.61 -2.40
C HIS F 40 27.71 -7.63 -2.99
N LEU F 41 26.43 -8.04 -3.04
CA LEU F 41 25.41 -7.14 -3.56
C LEU F 41 25.26 -5.90 -2.71
N ALA F 42 25.32 -6.05 -1.38
CA ALA F 42 25.21 -4.89 -0.51
C ALA F 42 26.38 -3.94 -0.71
N ALA F 43 27.58 -4.48 -0.93
CA ALA F 43 28.73 -3.61 -1.18
C ALA F 43 28.54 -2.81 -2.46
N GLU F 44 28.09 -3.48 -3.52
CA GLU F 44 27.91 -2.76 -4.78
C GLU F 44 26.80 -1.70 -4.66
N GLU F 45 25.75 -2.03 -3.92
CA GLU F 45 24.71 -1.03 -3.64
C GLU F 45 25.27 0.17 -2.88
N LYS F 46 26.22 -0.08 -1.96
CA LYS F 46 26.85 1.04 -1.25
C LYS F 46 27.60 1.94 -2.22
N GLU F 47 28.22 1.35 -3.25
CA GLU F 47 28.80 2.18 -4.31
C GLU F 47 27.75 3.08 -4.94
N HIS F 48 26.60 2.50 -5.28
CA HIS F 48 25.53 3.30 -5.89
C HIS F 48 25.07 4.42 -4.96
N VAL F 49 25.03 4.15 -3.65
CA VAL F 49 24.65 5.20 -2.70
C VAL F 49 25.65 6.36 -2.78
N SER F 50 26.96 6.05 -2.75
CA SER F 50 27.96 7.11 -2.86
C SER F 50 27.76 7.95 -4.11
N GLU F 51 27.55 7.29 -5.24
CA GLU F 51 27.40 8.00 -6.49
C GLU F 51 26.19 8.92 -6.48
N ALA F 52 25.08 8.43 -5.92
CA ALA F 52 23.87 9.25 -5.89
C ALA F 52 24.03 10.45 -4.97
N VAL F 53 24.67 10.25 -3.81
CA VAL F 53 24.91 11.40 -2.94
C VAL F 53 25.80 12.41 -3.64
N HIS F 54 26.74 11.93 -4.45
CA HIS F 54 27.62 12.83 -5.19
C HIS F 54 26.84 13.63 -6.23
N MET F 55 25.96 12.96 -6.98
CA MET F 55 25.12 13.71 -7.92
C MET F 55 24.26 14.73 -7.19
N LEU F 56 23.70 14.34 -6.04
CA LEU F 56 22.84 15.23 -5.28
C LEU F 56 23.61 16.47 -4.83
N ARG F 57 24.84 16.28 -4.36
CA ARG F 57 25.65 17.42 -3.95
C ARG F 57 26.01 18.31 -5.14
N MET F 58 26.23 17.72 -6.33
CA MET F 58 26.42 18.55 -7.53
C MET F 58 25.19 19.40 -7.83
N LEU F 59 24.01 18.79 -7.81
CA LEU F 59 22.83 19.41 -8.40
C LEU F 59 21.99 20.21 -7.43
N ASP F 60 22.16 20.00 -6.13
CA ASP F 60 21.35 20.63 -5.09
C ASP F 60 22.26 21.54 -4.27
N SER F 61 22.19 22.85 -4.53
CA SER F 61 23.10 23.77 -3.83
C SER F 61 22.78 23.85 -2.35
N GLY F 62 21.52 23.64 -1.97
CA GLY F 62 21.16 23.59 -0.57
C GLY F 62 21.61 22.34 0.15
N GLN F 63 21.85 21.26 -0.60
CA GLN F 63 22.39 20.03 0.00
C GLN F 63 23.90 20.09 0.10
N ASN F 64 24.55 20.68 -0.90
CA ASN F 64 26.00 20.79 -0.92
C ASN F 64 26.52 21.72 0.17
N ASP G 1 14.52 -7.07 13.77
CA ASP G 1 15.05 -7.42 12.47
C ASP G 1 16.12 -6.44 12.02
N LEU G 2 16.11 -5.24 12.61
CA LEU G 2 16.93 -4.13 12.17
C LEU G 2 18.01 -3.81 13.20
N ASP G 3 19.14 -3.32 12.72
CA ASP G 3 20.14 -2.76 13.62
C ASP G 3 20.19 -1.25 13.44
N ASP G 4 21.12 -0.62 14.15
CA ASP G 4 21.22 0.83 14.12
C ASP G 4 21.46 1.34 12.71
N VAL G 5 22.36 0.68 11.97
CA VAL G 5 22.67 1.16 10.62
C VAL G 5 21.44 1.09 9.73
N ALA G 6 20.64 0.03 9.89
CA ALA G 6 19.43 -0.11 9.09
C ALA G 6 18.42 0.98 9.44
N ARG G 7 18.28 1.31 10.73
CA ARG G 7 17.37 2.38 11.10
C ARG G 7 17.84 3.72 10.55
N ILE G 8 19.16 3.92 10.52
CA ILE G 8 19.70 5.17 9.95
C ILE G 8 19.41 5.24 8.46
N ARG G 9 19.57 4.12 7.74
CA ARG G 9 19.22 4.10 6.32
C ARG G 9 17.74 4.42 6.12
N LEU G 10 16.86 3.86 6.95
CA LEU G 10 15.44 4.15 6.82
C LEU G 10 15.15 5.63 7.08
N VAL G 11 15.81 6.22 8.08
CA VAL G 11 15.60 7.63 8.39
C VAL G 11 16.07 8.50 7.23
N LEU G 12 17.22 8.17 6.65
CA LEU G 12 17.72 8.94 5.50
C LEU G 12 16.80 8.80 4.30
N ALA G 13 16.31 7.59 4.01
CA ALA G 13 15.35 7.41 2.92
C ALA G 13 14.09 8.24 3.15
N ARG G 14 13.57 8.21 4.38
CA ARG G 14 12.37 9.00 4.69
C ARG G 14 12.64 10.49 4.52
N GLU G 15 13.80 10.97 4.97
CA GLU G 15 14.13 12.38 4.84
C GLU G 15 14.22 12.80 3.38
N LEU G 16 14.78 11.94 2.53
CA LEU G 16 14.89 12.27 1.12
C LEU G 16 13.50 12.40 0.48
N GLU G 17 12.65 11.41 0.77
CA GLU G 17 11.23 11.43 0.46
C GLU G 17 10.60 12.77 0.86
N THR G 18 10.87 13.17 2.10
CA THR G 18 10.23 14.36 2.67
C THR G 18 10.66 15.62 1.94
N ILE G 19 11.96 15.73 1.64
CA ILE G 19 12.44 16.88 0.87
C ILE G 19 11.71 16.95 -0.47
N ASN G 20 11.54 15.79 -1.12
CA ASN G 20 10.80 15.78 -2.38
C ASN G 20 9.42 16.40 -2.18
N GLU G 21 8.73 15.98 -1.11
CA GLU G 21 7.38 16.48 -0.87
C GLU G 21 7.41 17.99 -0.61
N TYR G 22 8.34 18.45 0.23
CA TYR G 22 8.41 19.87 0.57
C TYR G 22 8.65 20.71 -0.67
N GLU G 23 9.64 20.34 -1.49
CA GLU G 23 9.94 21.12 -2.68
C GLU G 23 8.79 21.11 -3.67
N ALA G 24 8.12 19.96 -3.84
CA ALA G 24 6.95 19.93 -4.71
C ALA G 24 5.85 20.84 -4.18
N TYR G 25 5.65 20.87 -2.86
CA TYR G 25 4.61 21.70 -2.28
C TYR G 25 4.94 23.17 -2.42
N ALA G 26 6.23 23.51 -2.30
CA ALA G 26 6.67 24.87 -2.58
C ALA G 26 6.35 25.24 -4.02
N ARG G 27 6.74 24.38 -4.97
CA ARG G 27 6.43 24.68 -6.37
C ARG G 27 4.93 24.86 -6.60
N ALA G 28 4.11 24.08 -5.91
CA ALA G 28 2.68 24.07 -6.20
C ALA G 28 1.88 25.14 -5.46
N SER G 29 2.38 25.65 -4.35
CA SER G 29 1.55 26.50 -3.49
C SER G 29 1.36 27.89 -4.10
N SER G 30 0.20 28.47 -3.83
CA SER G 30 -0.18 29.73 -4.45
C SER G 30 0.18 30.95 -3.60
N ASN G 31 0.06 30.85 -2.27
CA ASN G 31 0.44 31.95 -1.39
C ASN G 31 1.96 32.03 -1.28
N PRO G 32 2.56 33.20 -1.52
CA PRO G 32 4.03 33.28 -1.50
C PRO G 32 4.62 32.92 -0.15
N GLU G 33 3.92 33.19 0.94
CA GLU G 33 4.45 32.79 2.25
C GLU G 33 4.30 31.29 2.53
N VAL G 34 3.22 30.66 2.08
CA VAL G 34 3.14 29.21 2.20
C VAL G 34 4.29 28.57 1.44
N ARG G 35 4.57 29.13 0.26
CA ARG G 35 5.60 28.57 -0.57
C ARG G 35 6.97 28.83 0.03
N ALA G 36 7.16 29.97 0.70
CA ALA G 36 8.41 30.20 1.42
C ALA G 36 8.57 29.24 2.61
N PHE G 37 7.47 29.02 3.34
CA PHE G 37 7.48 28.06 4.46
C PHE G 37 7.96 26.69 4.00
N PHE G 38 7.42 26.20 2.88
CA PHE G 38 7.85 24.90 2.38
C PHE G 38 9.31 24.91 1.93
N GLN G 39 9.78 26.02 1.37
CA GLN G 39 11.20 26.09 0.99
C GLN G 39 12.11 26.04 2.23
N HIS G 40 11.70 26.70 3.31
CA HIS G 40 12.49 26.68 4.54
C HIS G 40 12.54 25.28 5.13
N LEU G 41 11.40 24.58 5.12
CA LEU G 41 11.38 23.20 5.59
C LEU G 41 12.30 22.32 4.76
N ALA G 42 12.28 22.49 3.43
CA ALA G 42 13.18 21.73 2.57
C ALA G 42 14.63 21.97 2.96
N ALA G 43 15.01 23.24 3.19
CA ALA G 43 16.40 23.53 3.53
C ALA G 43 16.79 22.86 4.85
N GLU G 44 15.86 22.83 5.81
CA GLU G 44 16.18 22.20 7.09
C GLU G 44 16.29 20.67 6.98
N GLU G 45 15.38 20.02 6.25
CA GLU G 45 15.62 18.59 6.00
C GLU G 45 16.92 18.32 5.27
N LYS G 46 17.34 19.20 4.36
CA LYS G 46 18.62 18.95 3.70
C LYS G 46 19.76 18.91 4.72
N GLU G 47 19.73 19.85 5.69
CA GLU G 47 20.70 19.76 6.78
C GLU G 47 20.61 18.42 7.51
N HIS G 48 19.40 17.91 7.71
CA HIS G 48 19.23 16.61 8.41
C HIS G 48 19.86 15.49 7.57
N VAL G 49 19.66 15.53 6.27
CA VAL G 49 20.26 14.54 5.38
C VAL G 49 21.78 14.56 5.49
N SER G 50 22.37 15.76 5.56
CA SER G 50 23.82 15.83 5.75
C SER G 50 24.23 15.13 7.05
N GLU G 51 23.50 15.41 8.13
CA GLU G 51 23.81 14.78 9.40
C GLU G 51 23.64 13.25 9.33
N ALA G 52 22.57 12.79 8.67
CA ALA G 52 22.33 11.36 8.58
C ALA G 52 23.40 10.65 7.76
N VAL G 53 23.80 11.23 6.63
CA VAL G 53 24.91 10.68 5.84
C VAL G 53 26.18 10.59 6.69
N HIS G 54 26.46 11.63 7.48
CA HIS G 54 27.67 11.56 8.31
C HIS G 54 27.57 10.42 9.32
N MET G 55 26.41 10.27 9.98
CA MET G 55 26.18 9.16 10.90
C MET G 55 26.35 7.82 10.21
N LEU G 56 25.77 7.68 9.02
CA LEU G 56 25.83 6.41 8.29
C LEU G 56 27.25 6.06 7.92
N ARG G 57 28.01 7.03 7.42
CA ARG G 57 29.39 6.74 7.06
C ARG G 57 30.19 6.37 8.29
N MET G 58 29.88 7.02 9.40
CA MET G 58 30.59 6.76 10.65
C MET G 58 30.31 5.35 11.18
N LEU G 59 29.09 4.85 11.00
CA LEU G 59 28.73 3.53 11.53
C LEU G 59 28.81 2.39 10.51
N ASP G 60 28.95 2.69 9.23
CA ASP G 60 29.01 1.68 8.17
C ASP G 60 30.33 1.89 7.46
N SER G 61 31.33 1.08 7.81
CA SER G 61 32.68 1.34 7.32
C SER G 61 32.77 1.09 5.82
N GLY G 62 32.09 0.05 5.31
CA GLY G 62 32.11 -0.17 3.86
C GLY G 62 31.45 0.97 3.10
N GLN G 63 30.38 1.53 3.67
CA GLN G 63 29.77 2.70 3.05
C GLN G 63 30.74 3.86 3.03
N ASN G 64 31.41 4.10 4.16
CA ASN G 64 32.45 5.12 4.19
C ASN G 64 33.55 4.86 3.16
N ASP G 65 33.91 3.59 2.97
CA ASP G 65 34.97 3.23 2.01
C ASP G 65 34.59 3.56 0.58
N HIS G 66 33.29 3.51 0.26
CA HIS G 66 32.90 3.96 -1.06
C HIS G 66 32.80 5.49 -1.17
N PHE G 67 32.98 6.20 -0.04
CA PHE G 67 32.87 7.64 0.18
C PHE G 67 31.47 7.99 0.70
N ALA G 68 30.93 9.13 0.25
CA ALA G 68 29.59 9.58 0.65
C ALA G 68 28.62 8.46 1.00
N ASP H 1 -6.61 17.42 -6.64
CA ASP H 1 -6.76 18.85 -6.40
C ASP H 1 -6.58 19.18 -4.92
N LEU H 2 -5.53 19.94 -4.61
CA LEU H 2 -5.21 20.34 -3.26
C LEU H 2 -5.05 21.85 -3.23
N ASP H 3 -5.29 22.45 -2.07
CA ASP H 3 -4.96 23.86 -1.87
C ASP H 3 -3.84 23.98 -0.83
N ASP H 4 -3.47 25.23 -0.56
CA ASP H 4 -2.32 25.48 0.33
C ASP H 4 -2.56 24.90 1.71
N VAL H 5 -3.74 25.12 2.27
CA VAL H 5 -4.04 24.59 3.60
C VAL H 5 -3.93 23.06 3.59
N ALA H 6 -4.43 22.43 2.53
CA ALA H 6 -4.35 20.97 2.44
C ALA H 6 -2.90 20.48 2.41
N ARG H 7 -2.04 21.19 1.68
CA ARG H 7 -0.63 20.82 1.68
C ARG H 7 -0.03 20.96 3.07
N ILE H 8 -0.39 22.03 3.78
CA ILE H 8 0.11 22.21 5.14
C ILE H 8 -0.35 21.05 6.04
N ARG H 9 -1.62 20.67 5.93
CA ARG H 9 -2.13 19.57 6.75
C ARG H 9 -1.40 18.28 6.47
N LEU H 10 -1.09 18.03 5.19
CA LEU H 10 -0.38 16.80 4.83
C LEU H 10 1.03 16.80 5.40
N VAL H 11 1.70 17.96 5.36
CA VAL H 11 3.05 18.06 5.91
C VAL H 11 3.03 17.87 7.42
N LEU H 12 1.99 18.40 8.08
CA LEU H 12 1.86 18.23 9.52
C LEU H 12 1.66 16.76 9.88
N ALA H 13 0.75 16.09 9.17
CA ALA H 13 0.50 14.67 9.45
C ALA H 13 1.78 13.85 9.27
N ARG H 14 2.50 14.11 8.16
CA ARG H 14 3.77 13.41 7.92
C ARG H 14 4.78 13.66 9.02
N GLU H 15 4.90 14.93 9.47
CA GLU H 15 5.87 15.24 10.52
C GLU H 15 5.54 14.49 11.80
N LEU H 16 4.26 14.41 12.15
CA LEU H 16 3.86 13.71 13.37
C LEU H 16 4.23 12.23 13.30
N GLU H 17 3.98 11.61 12.14
CA GLU H 17 4.38 10.22 11.99
C GLU H 17 5.91 10.07 12.01
N THR H 18 6.62 11.07 11.48
CA THR H 18 8.08 11.03 11.53
C THR H 18 8.58 11.05 12.97
N ILE H 19 7.98 11.92 13.80
CA ILE H 19 8.36 11.98 15.21
C ILE H 19 8.16 10.61 15.86
N ASN H 20 7.00 9.99 15.61
CA ASN H 20 6.81 8.64 16.12
C ASN H 20 7.96 7.72 15.73
N GLU H 21 8.36 7.77 14.46
CA GLU H 21 9.45 6.89 14.00
C GLU H 21 10.76 7.21 14.70
N TYR H 22 11.09 8.49 14.85
CA TYR H 22 12.36 8.86 15.46
C TYR H 22 12.41 8.41 16.91
N GLU H 23 11.30 8.56 17.64
CA GLU H 23 11.28 8.16 19.04
C GLU H 23 11.35 6.64 19.17
N ALA H 24 10.67 5.92 18.28
CA ALA H 24 10.74 4.46 18.29
C ALA H 24 12.16 3.99 17.99
N TYR H 25 12.85 4.66 17.06
CA TYR H 25 14.20 4.24 16.71
C TYR H 25 15.19 4.57 17.82
N ALA H 26 14.99 5.72 18.49
CA ALA H 26 15.77 6.02 19.68
C ALA H 26 15.59 4.93 20.73
N ARG H 27 14.33 4.54 21.00
CA ARG H 27 14.10 3.45 21.94
C ARG H 27 14.83 2.18 21.53
N ALA H 28 14.56 1.70 20.31
CA ALA H 28 15.09 0.44 19.83
C ALA H 28 16.61 0.43 19.68
N SER H 29 17.24 1.59 19.69
CA SER H 29 18.68 1.64 19.41
C SER H 29 19.48 1.11 20.60
N SER H 30 20.51 0.32 20.28
CA SER H 30 21.43 -0.16 21.32
C SER H 30 22.60 0.79 21.53
N ASN H 31 23.06 1.45 20.48
CA ASN H 31 24.10 2.47 20.61
C ASN H 31 23.49 3.73 21.24
N PRO H 32 24.02 4.21 22.37
CA PRO H 32 23.44 5.42 22.97
C PRO H 32 23.67 6.69 22.15
N GLU H 33 24.72 6.77 21.34
CA GLU H 33 24.84 7.96 20.50
C GLU H 33 23.97 7.89 19.25
N VAL H 34 23.61 6.70 18.79
CA VAL H 34 22.56 6.58 17.79
C VAL H 34 21.23 6.96 18.40
N ARG H 35 20.99 6.52 19.64
CA ARG H 35 19.86 7.03 20.42
C ARG H 35 19.85 8.56 20.40
N ALA H 36 21.00 9.16 20.73
CA ALA H 36 21.07 10.62 20.82
C ALA H 36 20.75 11.28 19.49
N PHE H 37 21.27 10.73 18.39
CA PHE H 37 20.98 11.32 17.09
C PHE H 37 19.49 11.24 16.78
N PHE H 38 18.83 10.11 17.07
CA PHE H 38 17.40 10.02 16.83
C PHE H 38 16.60 11.00 17.72
N GLN H 39 17.00 11.15 18.99
CA GLN H 39 16.32 12.12 19.85
C GLN H 39 16.48 13.54 19.32
N HIS H 40 17.67 13.89 18.84
CA HIS H 40 17.90 15.20 18.26
C HIS H 40 17.01 15.43 17.04
N LEU H 41 16.90 14.41 16.17
CA LEU H 41 16.00 14.54 15.02
C LEU H 41 14.55 14.69 15.47
N ALA H 42 14.14 13.94 16.50
CA ALA H 42 12.77 14.10 17.00
C ALA H 42 12.53 15.51 17.50
N ALA H 43 13.49 16.09 18.21
CA ALA H 43 13.29 17.44 18.74
C ALA H 43 13.16 18.48 17.62
N GLU H 44 13.99 18.35 16.60
CA GLU H 44 13.93 19.30 15.47
C GLU H 44 12.59 19.10 14.74
N GLU H 45 12.11 17.86 14.65
CA GLU H 45 10.83 17.62 13.99
C GLU H 45 9.67 18.19 14.78
N LYS H 46 9.73 18.09 16.11
CA LYS H 46 8.70 18.71 16.94
C LYS H 46 8.65 20.21 16.70
N GLU H 47 9.81 20.82 16.54
CA GLU H 47 9.83 22.25 16.21
C GLU H 47 9.11 22.52 14.89
N HIS H 48 9.32 21.65 13.90
CA HIS H 48 8.58 21.78 12.65
C HIS H 48 7.07 21.66 12.84
N VAL H 49 6.63 20.71 13.67
CA VAL H 49 5.20 20.55 13.94
C VAL H 49 4.63 21.83 14.55
N SER H 50 5.37 22.42 15.49
CA SER H 50 4.94 23.70 16.07
C SER H 50 4.71 24.75 14.99
N GLU H 51 5.66 24.87 14.06
CA GLU H 51 5.50 25.88 13.02
C GLU H 51 4.31 25.56 12.10
N ALA H 52 4.15 24.29 11.73
CA ALA H 52 3.06 23.95 10.82
C ALA H 52 1.70 24.18 11.48
N VAL H 53 1.57 23.82 12.77
CA VAL H 53 0.33 24.10 13.49
C VAL H 53 0.04 25.60 13.48
N HIS H 54 1.07 26.42 13.69
CA HIS H 54 0.83 27.85 13.74
C HIS H 54 0.40 28.37 12.37
N MET H 55 1.07 27.92 11.30
CA MET H 55 0.69 28.30 9.94
C MET H 55 -0.75 27.92 9.66
N LEU H 56 -1.15 26.71 10.07
CA LEU H 56 -2.49 26.23 9.81
C LEU H 56 -3.53 27.07 10.54
N ARG H 57 -3.24 27.45 11.79
CA ARG H 57 -4.14 28.35 12.48
C ARG H 57 -4.22 29.69 11.75
N MET H 58 -3.14 30.12 11.12
CA MET H 58 -3.15 31.46 10.51
C MET H 58 -3.96 31.46 9.22
N LEU H 59 -3.86 30.40 8.43
CA LEU H 59 -4.50 30.35 7.09
C LEU H 59 -5.89 29.68 7.15
N ASP H 60 -6.14 28.90 8.19
CA ASP H 60 -7.46 28.19 8.25
C ASP H 60 -8.39 28.93 9.21
N SER H 61 -9.41 29.60 8.68
CA SER H 61 -10.37 30.33 9.54
C SER H 61 -10.89 29.41 10.64
N GLY H 62 -11.21 28.16 10.29
CA GLY H 62 -11.71 27.22 11.28
C GLY H 62 -10.79 26.97 12.46
N GLN H 63 -9.54 27.43 12.37
CA GLN H 63 -8.60 27.49 13.49
C GLN H 63 -8.25 26.09 14.02
N ASN H 64 -8.25 25.09 13.15
CA ASN H 64 -7.77 23.76 13.52
C ASN H 64 -6.32 23.81 14.02
N ASP I 1 -14.08 10.22 -11.51
CA ASP I 1 -15.37 9.60 -11.83
C ASP I 1 -16.06 9.13 -10.55
N LEU I 2 -16.65 10.06 -9.81
CA LEU I 2 -17.20 9.74 -8.50
C LEU I 2 -18.33 10.71 -8.22
N ASP I 3 -19.45 10.19 -7.71
CA ASP I 3 -20.61 11.04 -7.43
C ASP I 3 -20.79 11.22 -5.93
N ASP I 4 -21.82 12.01 -5.59
CA ASP I 4 -22.07 12.36 -4.19
C ASP I 4 -22.32 11.13 -3.33
N VAL I 5 -23.06 10.15 -3.84
CA VAL I 5 -23.34 8.97 -3.03
C VAL I 5 -22.05 8.19 -2.77
N ALA I 6 -21.17 8.10 -3.77
CA ALA I 6 -19.91 7.42 -3.56
C ALA I 6 -19.07 8.13 -2.52
N ARG I 7 -19.11 9.47 -2.53
CA ARG I 7 -18.36 10.22 -1.52
C ARG I 7 -18.92 10.01 -0.13
N ILE I 8 -20.25 9.94 0.00
CA ILE I 8 -20.85 9.64 1.29
C ILE I 8 -20.42 8.26 1.77
N ARG I 9 -20.43 7.28 0.87
CA ARG I 9 -20.01 5.93 1.25
C ARG I 9 -18.56 5.90 1.73
N LEU I 10 -17.68 6.66 1.06
CA LEU I 10 -16.28 6.69 1.48
C LEU I 10 -16.11 7.39 2.82
N VAL I 11 -16.84 8.50 3.04
CA VAL I 11 -16.82 9.13 4.36
C VAL I 11 -17.23 8.15 5.43
N LEU I 12 -18.29 7.37 5.17
CA LEU I 12 -18.80 6.43 6.17
C LEU I 12 -17.79 5.32 6.45
N ALA I 13 -17.19 4.74 5.40
CA ALA I 13 -16.16 3.72 5.60
C ALA I 13 -14.99 4.25 6.42
N ARG I 14 -14.54 5.46 6.11
CA ARG I 14 -13.42 6.02 6.87
C ARG I 14 -13.82 6.25 8.32
N GLU I 15 -15.04 6.73 8.55
CA GLU I 15 -15.51 7.00 9.91
C GLU I 15 -15.57 5.70 10.73
N LEU I 16 -16.03 4.62 10.11
CA LEU I 16 -16.07 3.34 10.82
C LEU I 16 -14.67 2.89 11.21
N GLU I 17 -13.70 3.04 10.30
CA GLU I 17 -12.34 2.63 10.65
C GLU I 17 -11.78 3.53 11.74
N THR I 18 -12.15 4.81 11.71
CA THR I 18 -11.70 5.76 12.73
C THR I 18 -12.21 5.35 14.11
N ILE I 19 -13.49 4.98 14.18
CA ILE I 19 -14.04 4.50 15.44
C ILE I 19 -13.24 3.31 15.96
N ASN I 20 -12.95 2.34 15.08
CA ASN I 20 -12.14 1.21 15.51
C ASN I 20 -10.84 1.69 16.15
N GLU I 21 -10.18 2.61 15.49
CA GLU I 21 -8.89 3.09 15.98
C GLU I 21 -9.05 3.75 17.35
N TYR I 22 -10.04 4.64 17.48
CA TYR I 22 -10.24 5.39 18.73
C TYR I 22 -10.52 4.44 19.88
N GLU I 23 -11.39 3.44 19.66
CA GLU I 23 -11.72 2.53 20.74
C GLU I 23 -10.51 1.69 21.11
N ALA I 24 -9.72 1.28 20.13
CA ALA I 24 -8.50 0.52 20.43
C ALA I 24 -7.53 1.37 21.23
N TYR I 25 -7.36 2.64 20.86
CA TYR I 25 -6.47 3.52 21.58
C TYR I 25 -6.98 3.79 22.99
N ALA I 26 -8.30 3.92 23.17
CA ALA I 26 -8.85 4.10 24.51
C ALA I 26 -8.56 2.89 25.38
N ARG I 27 -8.77 1.69 24.84
CA ARG I 27 -8.44 0.48 25.58
C ARG I 27 -6.96 0.41 25.91
N ALA I 28 -6.11 0.79 24.96
CA ALA I 28 -4.66 0.67 25.14
C ALA I 28 -4.08 1.72 26.07
N SER I 29 -4.77 2.84 26.26
CA SER I 29 -4.17 3.96 26.94
C SER I 29 -4.14 3.74 28.45
N SER I 30 -3.09 4.25 29.08
CA SER I 30 -2.91 4.16 30.52
C SER I 30 -3.37 5.40 31.26
N ASN I 31 -3.07 6.58 30.73
CA ASN I 31 -3.57 7.82 31.31
C ASN I 31 -5.09 7.87 31.22
N PRO I 32 -5.80 7.99 32.35
CA PRO I 32 -7.27 8.03 32.31
C PRO I 32 -7.80 9.16 31.44
N GLU I 33 -7.06 10.24 31.33
CA GLU I 33 -7.53 11.43 30.64
C GLU I 33 -7.32 11.31 29.13
N VAL I 34 -6.24 10.64 28.73
CA VAL I 34 -6.08 10.20 27.35
C VAL I 34 -7.17 9.21 26.98
N ARG I 35 -7.48 8.28 27.88
CA ARG I 35 -8.56 7.33 27.64
C ARG I 35 -9.88 8.06 27.45
N ALA I 36 -10.18 9.02 28.32
CA ALA I 36 -11.43 9.77 28.21
C ALA I 36 -11.47 10.56 26.91
N PHE I 37 -10.33 11.12 26.51
CA PHE I 37 -10.25 11.85 25.25
C PHE I 37 -10.60 10.94 24.08
N PHE I 38 -9.97 9.75 24.03
CA PHE I 38 -10.26 8.84 22.92
C PHE I 38 -11.70 8.36 22.97
N GLN I 39 -12.23 8.14 24.17
CA GLN I 39 -13.63 7.74 24.28
C GLN I 39 -14.55 8.82 23.73
N HIS I 40 -14.25 10.09 24.05
CA HIS I 40 -15.03 11.19 23.52
C HIS I 40 -14.96 11.24 21.99
N LEU I 41 -13.75 11.11 21.42
CA LEU I 41 -13.63 11.13 19.96
C LEU I 41 -14.42 9.97 19.32
N ALA I 42 -14.38 8.78 19.94
CA ALA I 42 -15.13 7.65 19.41
C ALA I 42 -16.63 7.92 19.43
N ALA I 43 -17.15 8.46 20.54
CA ALA I 43 -18.59 8.75 20.62
C ALA I 43 -19.00 9.80 19.59
N GLU I 44 -18.15 10.82 19.38
CA GLU I 44 -18.49 11.83 18.38
C GLU I 44 -18.52 11.21 16.98
N GLU I 45 -17.56 10.32 16.70
CA GLU I 45 -17.52 9.68 15.40
C GLU I 45 -18.74 8.80 15.17
N LYS I 46 -19.21 8.13 16.22
CA LYS I 46 -20.47 7.37 16.09
C LYS I 46 -21.64 8.29 15.77
N GLU I 47 -21.68 9.48 16.39
CA GLU I 47 -22.74 10.43 16.03
C GLU I 47 -22.65 10.81 14.55
N HIS I 48 -21.43 11.04 14.05
CA HIS I 48 -21.28 11.38 12.64
C HIS I 48 -21.66 10.21 11.74
N VAL I 49 -21.38 8.97 12.14
CA VAL I 49 -21.79 7.82 11.34
C VAL I 49 -23.31 7.78 11.26
N SER I 50 -24.00 8.07 12.38
CA SER I 50 -25.47 8.14 12.32
C SER I 50 -25.93 9.16 11.29
N GLU I 51 -25.30 10.34 11.31
CA GLU I 51 -25.68 11.36 10.33
C GLU I 51 -25.37 10.92 8.89
N ALA I 52 -24.23 10.26 8.69
CA ALA I 52 -23.86 9.85 7.34
C ALA I 52 -24.79 8.78 6.82
N VAL I 53 -25.21 7.86 7.68
CA VAL I 53 -26.18 6.84 7.27
C VAL I 53 -27.51 7.49 6.88
N HIS I 54 -27.93 8.50 7.63
CA HIS I 54 -29.15 9.22 7.24
C HIS I 54 -29.00 9.85 5.85
N MET I 55 -27.88 10.54 5.61
CA MET I 55 -27.62 11.13 4.29
C MET I 55 -27.64 10.06 3.20
N LEU I 56 -26.96 8.94 3.45
CA LEU I 56 -26.88 7.90 2.43
C LEU I 56 -28.27 7.34 2.11
N ARG I 57 -29.10 7.15 3.14
CA ARG I 57 -30.43 6.64 2.89
C ARG I 57 -31.30 7.67 2.17
N MET I 58 -31.00 8.95 2.36
CA MET I 58 -31.71 9.98 1.61
C MET I 58 -31.31 9.98 0.14
N LEU I 59 -30.03 9.74 -0.15
CA LEU I 59 -29.56 9.86 -1.53
C LEU I 59 -29.56 8.54 -2.31
N ASP I 60 -29.63 7.40 -1.63
CA ASP I 60 -29.54 6.09 -2.29
C ASP I 60 -30.85 5.35 -1.99
N SER I 61 -31.77 5.44 -2.95
CA SER I 61 -33.09 4.83 -2.88
C SER I 61 -33.03 3.35 -2.57
N GLY I 62 -32.25 2.59 -3.35
CA GLY I 62 -32.19 1.15 -3.16
C GLY I 62 -31.61 0.76 -1.80
N GLN I 63 -30.59 1.50 -1.36
CA GLN I 63 -30.09 1.31 -0.01
C GLN I 63 -31.20 1.48 1.01
N ASN I 64 -31.98 2.55 0.89
CA ASN I 64 -33.08 2.76 1.82
C ASN I 64 -34.07 1.61 1.75
N ASP I 65 -34.36 1.15 0.53
CA ASP I 65 -35.33 0.07 0.33
C ASP I 65 -34.89 -1.20 1.04
N HIS I 66 -33.58 -1.41 1.20
CA HIS I 66 -33.14 -2.57 1.96
C HIS I 66 -33.27 -2.37 3.46
N PHE I 67 -33.85 -1.24 3.88
CA PHE I 67 -34.10 -0.93 5.29
C PHE I 67 -32.79 -0.63 6.00
N ALA I 68 -31.97 0.22 5.38
CA ALA I 68 -30.65 0.56 5.89
C ALA I 68 -30.75 1.32 7.21
N ASP J 1 5.67 -0.94 19.05
CA ASP J 1 5.36 -0.42 20.40
C ASP J 1 4.85 1.02 20.29
N LEU J 2 3.77 1.35 21.03
CA LEU J 2 3.27 2.71 21.00
C LEU J 2 2.93 3.13 22.43
N ASP J 3 3.18 4.41 22.74
CA ASP J 3 2.71 5.00 23.98
C ASP J 3 1.60 6.00 23.69
N ASP J 4 1.13 6.63 24.75
CA ASP J 4 0.00 7.55 24.63
C ASP J 4 0.32 8.68 23.67
N VAL J 5 1.52 9.26 23.77
CA VAL J 5 1.86 10.38 22.91
C VAL J 5 1.88 9.95 21.46
N ALA J 6 2.37 8.74 21.19
CA ALA J 6 2.40 8.23 19.82
C ALA J 6 0.98 8.08 19.28
N ARG J 7 0.08 7.54 20.09
CA ARG J 7 -1.29 7.35 19.64
C ARG J 7 -1.97 8.70 19.38
N ILE J 8 -1.68 9.70 20.22
CA ILE J 8 -2.21 11.04 19.98
C ILE J 8 -1.68 11.64 18.69
N ARG J 9 -0.39 11.44 18.40
CA ARG J 9 0.17 11.93 17.14
C ARG J 9 -0.51 11.26 15.95
N LEU J 10 -0.75 9.94 16.06
CA LEU J 10 -1.40 9.23 14.96
C LEU J 10 -2.84 9.71 14.76
N VAL J 11 -3.57 9.91 15.87
CA VAL J 11 -4.93 10.43 15.79
C VAL J 11 -4.94 11.80 15.14
N LEU J 12 -3.99 12.66 15.51
CA LEU J 12 -3.94 14.00 14.94
C LEU J 12 -3.64 13.94 13.44
N ALA J 13 -2.70 13.10 13.03
CA ALA J 13 -2.36 12.97 11.61
C ALA J 13 -3.54 12.44 10.80
N ARG J 14 -4.27 11.48 11.37
CA ARG J 14 -5.45 10.94 10.68
C ARG J 14 -6.55 11.99 10.59
N GLU J 15 -6.77 12.75 11.67
CA GLU J 15 -7.74 13.86 11.64
C GLU J 15 -7.40 14.87 10.55
N LEU J 16 -6.13 15.21 10.40
CA LEU J 16 -5.74 16.19 9.37
C LEU J 16 -6.02 15.66 7.98
N GLU J 17 -5.71 14.38 7.73
CA GLU J 17 -6.06 13.79 6.44
C GLU J 17 -7.58 13.76 6.24
N THR J 18 -8.32 13.43 7.29
CA THR J 18 -9.78 13.40 7.22
C THR J 18 -10.34 14.76 6.81
N ILE J 19 -9.82 15.84 7.39
CA ILE J 19 -10.27 17.17 7.02
C ILE J 19 -9.97 17.45 5.56
N ASN J 20 -8.76 17.10 5.10
CA ASN J 20 -8.47 17.24 3.67
C ASN J 20 -9.53 16.56 2.83
N GLU J 21 -9.90 15.34 3.22
CA GLU J 21 -10.83 14.57 2.41
C GLU J 21 -12.21 15.22 2.41
N TYR J 22 -12.66 15.68 3.57
CA TYR J 22 -13.96 16.32 3.67
C TYR J 22 -14.00 17.59 2.86
N GLU J 23 -12.94 18.40 2.90
CA GLU J 23 -12.96 19.63 2.13
C GLU J 23 -12.89 19.35 0.64
N ALA J 24 -12.13 18.33 0.23
CA ALA J 24 -12.11 17.97 -1.18
C ALA J 24 -13.48 17.50 -1.64
N TYR J 25 -14.13 16.67 -0.83
CA TYR J 25 -15.46 16.18 -1.18
C TYR J 25 -16.47 17.31 -1.26
N ALA J 26 -16.39 18.26 -0.32
CA ALA J 26 -17.29 19.41 -0.38
C ALA J 26 -17.07 20.21 -1.66
N ARG J 27 -15.80 20.46 -2.02
CA ARG J 27 -15.54 21.20 -3.26
C ARG J 27 -16.04 20.43 -4.48
N ALA J 28 -15.91 19.10 -4.46
CA ALA J 28 -16.31 18.30 -5.60
C ALA J 28 -17.82 18.07 -5.67
N SER J 29 -18.56 18.33 -4.60
CA SER J 29 -19.97 17.93 -4.54
C SER J 29 -20.87 18.84 -5.37
N SER J 30 -21.80 18.22 -6.09
CA SER J 30 -22.78 18.96 -6.87
C SER J 30 -24.02 19.34 -6.07
N ASN J 31 -24.38 18.53 -5.07
CA ASN J 31 -25.55 18.81 -4.24
C ASN J 31 -25.17 19.79 -3.12
N PRO J 32 -25.84 20.93 -3.01
CA PRO J 32 -25.48 21.88 -1.94
C PRO J 32 -25.70 21.33 -0.54
N GLU J 33 -26.72 20.48 -0.33
CA GLU J 33 -26.91 19.87 0.98
C GLU J 33 -25.77 18.91 1.32
N VAL J 34 -25.29 18.15 0.34
CA VAL J 34 -24.15 17.27 0.57
C VAL J 34 -22.89 18.10 0.85
N ARG J 35 -22.69 19.17 0.10
CA ARG J 35 -21.56 20.06 0.36
C ARG J 35 -21.62 20.59 1.78
N ALA J 36 -22.81 20.99 2.23
CA ALA J 36 -22.97 21.53 3.58
C ALA J 36 -22.67 20.47 4.64
N PHE J 37 -23.13 19.23 4.40
CA PHE J 37 -22.82 18.14 5.33
C PHE J 37 -21.31 17.91 5.44
N PHE J 38 -20.61 17.90 4.30
CA PHE J 38 -19.14 17.73 4.36
C PHE J 38 -18.48 18.91 5.07
N GLN J 39 -18.97 20.13 4.83
CA GLN J 39 -18.41 21.29 5.52
C GLN J 39 -18.59 21.18 7.03
N HIS J 40 -19.81 20.81 7.46
CA HIS J 40 -20.09 20.42 8.85
C HIS J 40 -19.09 19.44 9.45
N LEU J 41 -18.88 18.32 8.76
CA LEU J 41 -17.95 17.31 9.27
C LEU J 41 -16.54 17.90 9.39
N ALA J 42 -16.14 18.73 8.41
CA ALA J 42 -14.80 19.32 8.47
C ALA J 42 -14.66 20.28 9.65
N ALA J 43 -15.68 21.11 9.91
CA ALA J 43 -15.57 22.07 11.01
C ALA J 43 -15.47 21.34 12.36
N GLU J 44 -16.24 20.27 12.53
CA GLU J 44 -16.14 19.54 13.80
C GLU J 44 -14.80 18.79 13.93
N GLU J 45 -14.31 18.22 12.82
CA GLU J 45 -12.98 17.62 12.86
C GLU J 45 -11.91 18.65 13.24
N LYS J 46 -12.05 19.88 12.77
CA LYS J 46 -11.06 20.91 13.15
C LYS J 46 -11.09 21.18 14.64
N GLU J 47 -12.29 21.16 15.24
CA GLU J 47 -12.39 21.27 16.69
C GLU J 47 -11.60 20.16 17.39
N HIS J 48 -11.70 18.94 16.86
CA HIS J 48 -10.98 17.84 17.48
C HIS J 48 -9.46 17.94 17.27
N VAL J 49 -9.02 18.49 16.14
CA VAL J 49 -7.60 18.79 15.97
C VAL J 49 -7.10 19.71 17.07
N SER J 50 -7.85 20.78 17.35
CA SER J 50 -7.42 21.69 18.41
C SER J 50 -7.26 20.95 19.74
N GLU J 51 -8.24 20.11 20.07
CA GLU J 51 -8.16 19.33 21.30
C GLU J 51 -6.96 18.39 21.30
N ALA J 52 -6.70 17.73 20.17
CA ALA J 52 -5.59 16.78 20.11
C ALA J 52 -4.26 17.50 20.25
N VAL J 53 -4.14 18.70 19.67
CA VAL J 53 -2.92 19.48 19.83
C VAL J 53 -2.71 19.85 21.29
N HIS J 54 -3.80 20.27 21.96
CA HIS J 54 -3.66 20.61 23.37
C HIS J 54 -3.19 19.40 24.18
N MET J 55 -3.72 18.23 23.84
CA MET J 55 -3.41 17.04 24.62
C MET J 55 -1.95 16.65 24.39
N LEU J 56 -1.52 16.74 23.14
CA LEU J 56 -0.13 16.46 22.78
C LEU J 56 0.82 17.39 23.53
N ARG J 57 0.48 18.68 23.61
CA ARG J 57 1.34 19.61 24.34
C ARG J 57 1.36 19.28 25.82
N MET J 58 0.24 18.78 26.36
CA MET J 58 0.18 18.41 27.76
C MET J 58 1.08 17.22 28.07
N LEU J 59 1.21 16.30 27.12
CA LEU J 59 1.96 15.04 27.39
C LEU J 59 3.41 15.13 26.92
N ASP J 60 3.72 15.98 25.94
CA ASP J 60 5.06 16.05 25.38
C ASP J 60 5.59 17.45 25.66
N SER J 61 6.33 17.60 26.77
CA SER J 61 6.87 18.89 27.15
C SER J 61 7.83 19.47 26.11
N GLY J 62 8.27 18.67 25.14
CA GLY J 62 8.89 19.21 23.94
C GLY J 62 7.92 19.86 22.97
N GLN J 63 6.62 19.82 23.30
CA GLN J 63 5.49 20.52 22.69
C GLN J 63 4.71 19.65 21.72
N ASN J 64 5.31 18.56 21.25
CA ASN J 64 4.75 17.88 20.08
C ASN J 64 5.01 16.37 20.08
#